data_7FIW
#
_entry.id   7FIW
#
_cell.length_a   82.357
_cell.length_b   98.690
_cell.length_c   184.847
_cell.angle_alpha   90.000
_cell.angle_beta   90.000
_cell.angle_gamma   90.000
#
_symmetry.space_group_name_H-M   'P 21 21 21'
#
loop_
_entity.id
_entity.type
_entity.pdbx_description
1 polymer 'ULP_PROTEASE domain-containing protein'
2 polymer 'bacteria factor 4,CidA I(Zeta/1) protein'
3 water water
#
loop_
_entity_poly.entity_id
_entity_poly.type
_entity_poly.pdbx_seq_one_letter_code
_entity_poly.pdbx_strand_id
1 'polypeptide(L)'
;MSNGDGLIRSLVDGDLEGFRQGFESFLDQCPSFLYHVSAGRFLPVFFFSMFSTAHDANILNANERVYFRFDNHGVNPRNG
ENRNTANLKVAVYRDGQQVVRCYSISDRPNSDGLRFSTRERNALVQEIRRQNPNLREEDLNFEQYKVCMHGKGKSQGEAI
ATVFEVIREKDRQGRDKFAKYSASEVHFLRQLFRNHRLTIKEIEGRQLNQNQLRQLGRSVNFTRVEPGQQRIDNFMEMLA
SNQRQDVRDSLRGDILEYVTDTYNNYRAQIENNIEGRSQKFESHGFLLGFLANFSHRYTIGVDLDLSPRNSHVAFLVRHQ
VERENIPIVINLATRAPPYIALNRARSHAERLHVFSFIPIHTESRNTVCVGLNFNLNLDPFSVDTVGLQQDRFPLVQRLF
ECLENEGIRENIRDFLLHHLPAEIPRNAENYDRIFDCITGFAFGNSAFDRHPLELEEEDEAPITKYIFRHGDEGLRCLTM
VFHAEGSDIVILHIRAHDAQQQGAINLQTLNVNGNDVHVWEVSCTLNNQLELDIDLPNDLGLYHDYQNNNANNFLAGDLV
QVPNTENVHNTLNQVVNDGWKNIAQHRGLFQEISGALMPLVDTINVNSEDKFRSILHGTFYASDNPYKVLAMYKVGQTYS
LKRGQEEEGERVILTRITEQRLDLLLLRQPRENDLDTHPIGYVLRLANNAEEVGQQQNDARQEIGRLKKQHRGFIPITSG
NEVVLFPIVFNRDAHEAGNLILFPEGIGREEHVHRLDRHVRLEHHHHHH
;
A
2 'polypeptide(L)'
;MPIETKKQAEVLKKLQDVIKHTDRDIAAGRKLAIKRWVETYIEYIKYFKDDKLEFLYNVFRDEGCWLGTRLNNTVLGQKL
TEEKIGEIDNPLRRYGMASRYCITGKIHPLFQKRFESYRNKFPPGAFDGKTETEFGKYVRNSLLDSIKRKGPVFDFWIDR
ESGELKKYDAVEGFDSTVKLKWSEGVEYFYNQLEEKDKEKKLTEAIVALSRPQSVKRDAPILDFCVRNIGDKDTLLQKLL
QKDKGVYFLLAELIESCFFDTVHDLVQCWCYKGVSAGGDCSDKIFSQRDYELFLSSLSDVMLKNPELSVQARSLIMEIWK
CERFAEYRETSVNTSNYTVPIKSVLGELIINWKREDVCKPDREIEKEEILDMISFAKGCFPEKFDLFKEVMIRNLRLCGR
EGKRKGVDYGKFAEELFLQLEKVTLPSVGDGPWNNLRSQSKVSLPLDGSGDGPQSEFEAPSVSGISGSHKKRRILEHHHH
HH
;
B
#
# COMPACT_ATOMS: atom_id res chain seq x y z
N SER A 2 2.05 -6.24 -23.12
CA SER A 2 1.89 -7.66 -23.44
C SER A 2 1.80 -7.86 -24.95
N ASN A 3 1.44 -9.08 -25.37
CA ASN A 3 1.41 -9.43 -26.78
C ASN A 3 0.11 -10.12 -27.18
N GLY A 4 -0.95 -9.97 -26.39
CA GLY A 4 -2.22 -10.60 -26.72
C GLY A 4 -3.07 -9.77 -27.66
N ASP A 5 -4.20 -10.35 -28.06
CA ASP A 5 -5.15 -9.67 -28.93
C ASP A 5 -6.21 -8.89 -28.17
N GLY A 6 -6.33 -9.11 -26.86
CA GLY A 6 -7.38 -8.47 -26.09
C GLY A 6 -8.49 -9.46 -25.77
N LEU A 7 -8.96 -9.43 -24.52
CA LEU A 7 -9.96 -10.39 -24.08
C LEU A 7 -11.26 -10.26 -24.86
N ILE A 8 -11.81 -9.05 -24.91
CA ILE A 8 -13.11 -8.86 -25.55
C ILE A 8 -13.01 -9.11 -27.06
N ARG A 9 -11.91 -8.68 -27.66
CA ARG A 9 -11.73 -8.85 -29.10
C ARG A 9 -11.77 -10.34 -29.48
N SER A 10 -11.06 -11.17 -28.73
CA SER A 10 -11.06 -12.60 -29.01
C SER A 10 -12.44 -13.20 -28.77
N LEU A 11 -13.08 -12.84 -27.66
CA LEU A 11 -14.39 -13.38 -27.32
C LEU A 11 -15.41 -13.04 -28.40
N VAL A 12 -15.46 -11.77 -28.81
CA VAL A 12 -16.44 -11.34 -29.81
C VAL A 12 -16.19 -12.05 -31.13
N ASP A 13 -14.93 -12.23 -31.50
CA ASP A 13 -14.60 -12.95 -32.72
C ASP A 13 -14.87 -14.45 -32.63
N GLY A 14 -15.22 -14.96 -31.45
CA GLY A 14 -15.40 -16.38 -31.30
C GLY A 14 -14.11 -17.17 -31.27
N ASP A 15 -12.99 -16.50 -31.03
CA ASP A 15 -11.68 -17.16 -30.93
C ASP A 15 -11.53 -17.62 -29.48
N LEU A 16 -12.02 -18.82 -29.19
CA LEU A 16 -12.01 -19.32 -27.82
C LEU A 16 -10.60 -19.61 -27.33
N GLU A 17 -9.71 -20.07 -28.21
CA GLU A 17 -8.34 -20.32 -27.81
C GLU A 17 -7.60 -19.02 -27.53
N GLY A 18 -7.76 -18.03 -28.42
CA GLY A 18 -7.12 -16.74 -28.20
C GLY A 18 -7.60 -16.05 -26.94
N PHE A 19 -8.89 -16.19 -26.62
CA PHE A 19 -9.41 -15.64 -25.38
C PHE A 19 -8.80 -16.35 -24.17
N ARG A 20 -8.62 -17.66 -24.27
CA ARG A 20 -8.09 -18.44 -23.15
C ARG A 20 -6.67 -18.00 -22.80
N GLN A 21 -5.79 -17.91 -23.80
CA GLN A 21 -4.41 -17.50 -23.54
C GLN A 21 -4.34 -16.07 -23.02
N GLY A 22 -5.16 -15.19 -23.58
CA GLY A 22 -5.20 -13.82 -23.09
C GLY A 22 -5.73 -13.71 -21.68
N PHE A 23 -6.64 -14.60 -21.29
CA PHE A 23 -7.21 -14.52 -19.95
C PHE A 23 -6.26 -15.06 -18.89
N GLU A 24 -5.57 -16.17 -19.19
CA GLU A 24 -4.58 -16.67 -18.24
C GLU A 24 -3.42 -15.69 -18.10
N SER A 25 -3.16 -14.87 -19.13
CA SER A 25 -2.17 -13.82 -19.01
C SER A 25 -2.65 -12.73 -18.07
N PHE A 26 -3.95 -12.41 -18.10
CA PHE A 26 -4.51 -11.46 -17.15
C PHE A 26 -4.49 -12.03 -15.74
N LEU A 27 -4.76 -13.33 -15.60
CA LEU A 27 -4.72 -13.96 -14.29
C LEU A 27 -3.33 -13.92 -13.68
N ASP A 28 -2.30 -13.98 -14.51
CA ASP A 28 -0.94 -13.79 -14.00
C ASP A 28 -0.77 -12.39 -13.42
N GLN A 29 -1.56 -11.44 -13.90
CA GLN A 29 -1.42 -10.04 -13.49
CA GLN A 29 -1.40 -10.05 -13.48
C GLN A 29 -2.23 -9.72 -12.24
N CYS A 30 -3.28 -10.50 -11.96
CA CYS A 30 -4.09 -10.33 -10.75
C CYS A 30 -4.06 -11.67 -10.04
N PRO A 31 -3.03 -11.93 -9.23
CA PRO A 31 -2.84 -13.28 -8.66
C PRO A 31 -3.94 -13.71 -7.70
N SER A 32 -4.74 -12.79 -7.18
CA SER A 32 -5.80 -13.13 -6.25
C SER A 32 -7.18 -13.10 -6.90
N PHE A 33 -7.25 -13.02 -8.22
CA PHE A 33 -8.54 -12.88 -8.90
C PHE A 33 -9.45 -14.05 -8.63
N LEU A 34 -8.92 -15.27 -8.67
CA LEU A 34 -9.75 -16.46 -8.60
C LEU A 34 -10.23 -16.78 -7.18
N TYR A 35 -9.75 -16.06 -6.17
CA TYR A 35 -10.25 -16.28 -4.82
C TYR A 35 -11.67 -15.76 -4.63
N HIS A 36 -12.15 -14.90 -5.55
CA HIS A 36 -13.41 -14.19 -5.35
C HIS A 36 -14.39 -14.38 -6.50
N VAL A 37 -14.15 -15.33 -7.41
CA VAL A 37 -15.03 -15.50 -8.57
C VAL A 37 -16.42 -15.94 -8.18
N SER A 38 -16.60 -16.46 -6.96
CA SER A 38 -17.90 -16.93 -6.49
C SER A 38 -18.53 -15.99 -5.46
N ALA A 39 -17.94 -14.82 -5.24
CA ALA A 39 -18.43 -13.88 -4.24
C ALA A 39 -19.42 -12.93 -4.90
N GLY A 40 -20.71 -13.18 -4.68
CA GLY A 40 -21.74 -12.33 -5.26
C GLY A 40 -21.66 -12.33 -6.78
N ARG A 41 -21.84 -11.14 -7.36
CA ARG A 41 -21.74 -10.94 -8.80
C ARG A 41 -20.38 -10.40 -9.21
N PHE A 42 -19.32 -10.77 -8.50
CA PHE A 42 -17.97 -10.32 -8.83
C PHE A 42 -17.62 -10.65 -10.27
N LEU A 43 -17.84 -11.90 -10.68
CA LEU A 43 -17.48 -12.30 -12.04
C LEU A 43 -18.41 -11.68 -13.09
N PRO A 44 -19.74 -11.71 -12.94
CA PRO A 44 -20.58 -11.04 -13.96
C PRO A 44 -20.30 -9.56 -14.11
N VAL A 45 -20.12 -8.83 -13.01
CA VAL A 45 -19.83 -7.41 -13.10
C VAL A 45 -18.47 -7.17 -13.73
N PHE A 46 -17.50 -8.05 -13.43
CA PHE A 46 -16.18 -7.94 -14.06
C PHE A 46 -16.29 -8.02 -15.57
N PHE A 47 -17.02 -9.02 -16.08
CA PHE A 47 -17.18 -9.15 -17.53
C PHE A 47 -18.06 -8.06 -18.10
N PHE A 48 -19.07 -7.61 -17.35
CA PHE A 48 -19.90 -6.51 -17.83
C PHE A 48 -19.08 -5.23 -17.99
N SER A 49 -18.19 -4.96 -17.03
CA SER A 49 -17.35 -3.77 -17.12
C SER A 49 -16.43 -3.86 -18.33
N MET A 50 -15.91 -5.06 -18.64
CA MET A 50 -15.08 -5.22 -19.82
C MET A 50 -15.87 -4.93 -21.09
N PHE A 51 -17.11 -5.42 -21.18
CA PHE A 51 -17.92 -5.19 -22.37
C PHE A 51 -18.38 -3.74 -22.47
N SER A 52 -18.66 -3.10 -21.34
CA SER A 52 -19.23 -1.75 -21.33
C SER A 52 -18.21 -0.66 -21.60
N THR A 53 -16.91 -0.97 -21.51
CA THR A 53 -15.86 0.00 -21.80
C THR A 53 -15.03 -0.38 -23.03
N ALA A 54 -15.43 -1.42 -23.76
CA ALA A 54 -14.62 -1.90 -24.88
C ALA A 54 -14.68 -0.94 -26.06
N HIS A 55 -15.85 -0.38 -26.34
CA HIS A 55 -15.97 0.58 -27.44
C HIS A 55 -15.11 1.82 -27.18
N ASP A 56 -15.20 2.36 -25.96
CA ASP A 56 -14.43 3.56 -25.63
C ASP A 56 -12.93 3.31 -25.71
N ALA A 57 -12.50 2.06 -25.53
CA ALA A 57 -11.09 1.70 -25.64
C ALA A 57 -10.69 1.30 -27.05
N ASN A 58 -11.55 1.54 -28.04
CA ASN A 58 -11.29 1.19 -29.44
C ASN A 58 -11.03 -0.31 -29.61
N ILE A 59 -11.64 -1.12 -28.75
CA ILE A 59 -11.56 -2.57 -28.89
C ILE A 59 -12.64 -3.09 -29.84
N LEU A 60 -13.85 -2.58 -29.71
CA LEU A 60 -14.96 -2.93 -30.60
C LEU A 60 -15.30 -1.74 -31.49
N ASN A 61 -15.80 -2.04 -32.69
CA ASN A 61 -16.29 -1.00 -33.59
C ASN A 61 -17.71 -0.61 -33.22
N ALA A 62 -18.12 0.56 -33.73
CA ALA A 62 -19.47 1.04 -33.46
C ALA A 62 -20.52 0.12 -34.04
N ASN A 63 -20.26 -0.45 -35.22
CA ASN A 63 -21.22 -1.36 -35.83
C ASN A 63 -21.28 -2.73 -35.14
N GLU A 64 -20.42 -2.97 -34.15
CA GLU A 64 -20.47 -4.17 -33.33
C GLU A 64 -21.30 -3.83 -32.09
N ARG A 65 -22.61 -3.99 -32.20
CA ARG A 65 -23.52 -3.60 -31.14
C ARG A 65 -23.59 -4.68 -30.06
N VAL A 66 -23.55 -4.23 -28.82
CA VAL A 66 -23.54 -5.12 -27.68
C VAL A 66 -24.76 -4.94 -26.81
N TYR A 67 -25.39 -6.03 -26.44
CA TYR A 67 -26.57 -6.01 -25.59
C TYR A 67 -26.35 -6.94 -24.41
N PHE A 68 -26.89 -6.57 -23.25
CA PHE A 68 -26.62 -7.32 -22.04
C PHE A 68 -27.83 -7.27 -21.11
N ARG A 69 -27.83 -8.18 -20.14
CA ARG A 69 -28.76 -8.13 -19.02
C ARG A 69 -28.17 -8.95 -17.89
N PHE A 70 -28.49 -8.55 -16.66
CA PHE A 70 -28.13 -9.32 -15.48
C PHE A 70 -29.29 -10.26 -15.16
N ASP A 71 -29.05 -11.56 -15.27
CA ASP A 71 -30.05 -12.59 -14.99
C ASP A 71 -29.83 -13.06 -13.56
N ASN A 72 -30.47 -12.38 -12.61
CA ASN A 72 -30.21 -12.63 -11.21
C ASN A 72 -30.86 -13.95 -10.75
N HIS A 73 -30.13 -14.69 -9.91
CA HIS A 73 -30.57 -16.01 -9.50
C HIS A 73 -31.82 -15.94 -8.61
N GLY A 74 -31.97 -14.87 -7.84
CA GLY A 74 -33.17 -14.72 -7.04
C GLY A 74 -33.21 -15.66 -5.85
N VAL A 75 -34.43 -16.07 -5.49
CA VAL A 75 -34.64 -16.84 -4.27
C VAL A 75 -34.08 -18.25 -4.43
N ASN A 76 -33.46 -18.75 -3.37
CA ASN A 76 -32.94 -20.10 -3.35
C ASN A 76 -34.07 -21.07 -2.99
N PRO A 77 -34.40 -22.03 -3.86
CA PRO A 77 -35.53 -22.92 -3.57
C PRO A 77 -35.31 -23.86 -2.40
N ARG A 78 -34.16 -23.79 -1.74
CA ARG A 78 -33.83 -24.74 -0.68
C ARG A 78 -33.68 -24.09 0.68
N ASN A 79 -33.74 -22.76 0.77
CA ASN A 79 -33.82 -22.08 2.06
C ASN A 79 -34.72 -20.85 2.06
N GLY A 80 -35.25 -20.42 0.90
CA GLY A 80 -36.11 -19.27 0.83
C GLY A 80 -35.41 -17.92 0.90
N GLU A 81 -34.09 -17.90 0.92
CA GLU A 81 -33.34 -16.66 0.99
C GLU A 81 -33.00 -16.18 -0.42
N ASN A 82 -33.08 -14.87 -0.64
CA ASN A 82 -32.76 -14.29 -1.93
C ASN A 82 -31.24 -14.29 -2.12
N ARG A 83 -30.77 -14.89 -3.20
CA ARG A 83 -29.35 -14.93 -3.49
C ARG A 83 -28.89 -13.61 -4.10
N ASN A 84 -27.59 -13.36 -4.00
CA ASN A 84 -26.98 -12.16 -4.60
C ASN A 84 -26.04 -12.51 -5.75
N THR A 85 -26.22 -13.68 -6.35
CA THR A 85 -25.44 -14.12 -7.51
C THR A 85 -26.31 -14.01 -8.76
N ALA A 86 -25.68 -14.16 -9.92
CA ALA A 86 -26.40 -14.01 -11.17
C ALA A 86 -25.58 -14.61 -12.31
N ASN A 87 -26.22 -14.56 -13.47
CA ASN A 87 -25.55 -14.94 -14.68
C ASN A 87 -25.55 -13.67 -15.51
N LEU A 88 -24.42 -13.31 -16.10
CA LEU A 88 -24.35 -12.22 -17.06
C LEU A 88 -24.57 -12.79 -18.46
N LYS A 89 -25.48 -12.19 -19.21
CA LYS A 89 -25.79 -12.62 -20.57
C LYS A 89 -25.54 -11.48 -21.52
N VAL A 90 -24.62 -11.69 -22.47
CA VAL A 90 -24.20 -10.67 -23.42
C VAL A 90 -24.35 -11.23 -24.82
N ALA A 91 -24.81 -10.41 -25.75
CA ALA A 91 -24.90 -10.76 -27.15
C ALA A 91 -24.32 -9.64 -27.99
N VAL A 92 -23.62 -10.02 -29.05
CA VAL A 92 -23.04 -9.07 -29.97
C VAL A 92 -23.66 -9.25 -31.34
N TYR A 93 -24.13 -8.18 -31.94
CA TYR A 93 -24.76 -8.22 -33.25
C TYR A 93 -24.16 -7.13 -34.13
N ARG A 94 -23.87 -7.49 -35.38
CA ARG A 94 -23.32 -6.56 -36.36
C ARG A 94 -24.15 -6.64 -37.62
N ASP A 95 -24.67 -5.50 -38.07
CA ASP A 95 -25.49 -5.47 -39.28
C ASP A 95 -24.70 -5.96 -40.48
N GLY A 96 -25.25 -6.94 -41.18
CA GLY A 96 -24.58 -7.59 -42.28
C GLY A 96 -23.98 -8.94 -41.95
N GLN A 97 -23.77 -9.22 -40.66
CA GLN A 97 -23.26 -10.51 -40.21
C GLN A 97 -24.42 -11.35 -39.68
N GLN A 98 -24.52 -12.59 -40.15
CA GLN A 98 -25.62 -13.45 -39.75
CA GLN A 98 -25.63 -13.45 -39.75
C GLN A 98 -25.43 -14.02 -38.35
N VAL A 99 -24.19 -14.19 -37.91
CA VAL A 99 -23.91 -14.81 -36.63
C VAL A 99 -24.13 -13.81 -35.51
N VAL A 100 -24.97 -14.18 -34.55
CA VAL A 100 -25.17 -13.42 -33.32
C VAL A 100 -24.59 -14.26 -32.19
N ARG A 101 -23.43 -13.85 -31.67
CA ARG A 101 -22.78 -14.59 -30.60
C ARG A 101 -23.36 -14.19 -29.26
N CYS A 102 -23.80 -15.19 -28.50
CA CYS A 102 -24.36 -14.98 -27.16
C CYS A 102 -23.45 -15.62 -26.12
N TYR A 103 -23.23 -14.91 -25.02
CA TYR A 103 -22.34 -15.36 -23.97
C TYR A 103 -23.07 -15.38 -22.63
N SER A 104 -22.99 -16.51 -21.94
CA SER A 104 -23.54 -16.67 -20.60
C SER A 104 -22.39 -16.84 -19.63
N ILE A 105 -22.25 -15.91 -18.69
CA ILE A 105 -21.10 -15.83 -17.81
C ILE A 105 -21.57 -15.98 -16.38
N SER A 106 -21.06 -17.01 -15.69
CA SER A 106 -21.33 -17.25 -14.28
C SER A 106 -20.20 -18.10 -13.75
N ASP A 107 -20.14 -18.24 -12.42
CA ASP A 107 -19.05 -19.00 -11.83
C ASP A 107 -19.15 -20.49 -12.13
N ARG A 108 -20.37 -21.02 -12.24
CA ARG A 108 -20.51 -22.45 -12.47
C ARG A 108 -21.29 -22.72 -13.74
N PRO A 109 -20.89 -23.73 -14.53
CA PRO A 109 -21.67 -24.08 -15.72
C PRO A 109 -23.04 -24.66 -15.40
N ASN A 110 -23.27 -25.15 -14.19
CA ASN A 110 -24.59 -25.62 -13.77
C ASN A 110 -25.35 -24.59 -12.95
N SER A 111 -24.93 -23.33 -12.99
CA SER A 111 -25.65 -22.27 -12.30
C SER A 111 -27.03 -22.10 -12.88
N ASP A 112 -28.01 -21.81 -12.00
CA ASP A 112 -29.42 -21.77 -12.40
C ASP A 112 -29.65 -20.83 -13.55
N GLY A 113 -30.37 -21.31 -14.56
CA GLY A 113 -30.78 -20.50 -15.70
C GLY A 113 -29.63 -19.91 -16.48
N LEU A 114 -28.52 -20.63 -16.60
CA LEU A 114 -27.36 -20.08 -17.29
C LEU A 114 -27.62 -19.90 -18.77
N ARG A 115 -28.36 -20.83 -19.38
CA ARG A 115 -28.61 -20.75 -20.82
C ARG A 115 -29.55 -19.59 -21.14
N PHE A 116 -29.40 -19.06 -22.36
CA PHE A 116 -30.35 -18.08 -22.86
C PHE A 116 -31.74 -18.71 -22.95
N SER A 117 -32.74 -17.98 -22.48
CA SER A 117 -34.12 -18.46 -22.51
C SER A 117 -34.84 -17.93 -23.74
N THR A 118 -36.00 -18.53 -24.03
CA THR A 118 -36.81 -18.10 -25.16
C THR A 118 -37.19 -16.64 -25.03
N ARG A 119 -37.62 -16.21 -23.84
CA ARG A 119 -37.99 -14.82 -23.64
C ARG A 119 -36.77 -13.90 -23.69
N GLU A 120 -35.60 -14.41 -23.35
CA GLU A 120 -34.38 -13.62 -23.48
C GLU A 120 -33.98 -13.44 -24.94
N ARG A 121 -34.22 -14.47 -25.77
CA ARG A 121 -34.00 -14.32 -27.20
C ARG A 121 -34.92 -13.25 -27.78
N ASN A 122 -36.20 -13.26 -27.39
CA ASN A 122 -37.15 -12.30 -27.93
C ASN A 122 -36.85 -10.88 -27.45
N ALA A 123 -36.45 -10.74 -26.18
CA ALA A 123 -36.08 -9.42 -25.68
C ALA A 123 -34.83 -8.89 -26.36
N LEU A 124 -33.87 -9.78 -26.64
CA LEU A 124 -32.67 -9.38 -27.36
C LEU A 124 -33.00 -8.95 -28.78
N VAL A 125 -33.77 -9.77 -29.50
CA VAL A 125 -34.18 -9.41 -30.86
C VAL A 125 -34.95 -8.10 -30.85
N GLN A 126 -35.78 -7.89 -29.83
CA GLN A 126 -36.50 -6.62 -29.69
C GLN A 126 -35.53 -5.45 -29.56
N GLU A 127 -34.45 -5.62 -28.79
CA GLU A 127 -33.47 -4.56 -28.64
C GLU A 127 -32.71 -4.34 -29.94
N ILE A 128 -32.31 -5.43 -30.62
CA ILE A 128 -31.62 -5.30 -31.90
C ILE A 128 -32.48 -4.53 -32.89
N ARG A 129 -33.79 -4.78 -32.89
CA ARG A 129 -34.68 -4.14 -33.84
C ARG A 129 -34.89 -2.66 -33.55
N ARG A 130 -34.56 -2.20 -32.34
CA ARG A 130 -34.71 -0.79 -32.03
C ARG A 130 -33.74 0.07 -32.83
N GLN A 131 -32.54 -0.46 -33.13
CA GLN A 131 -31.60 0.24 -33.99
C GLN A 131 -31.71 -0.21 -35.45
N ASN A 132 -32.03 -1.48 -35.69
CA ASN A 132 -32.23 -2.02 -37.03
C ASN A 132 -33.70 -2.32 -37.23
N PRO A 133 -34.50 -1.38 -37.72
CA PRO A 133 -35.94 -1.65 -37.91
C PRO A 133 -36.23 -2.64 -39.03
N ASN A 134 -35.27 -2.90 -39.92
CA ASN A 134 -35.48 -3.77 -41.06
C ASN A 134 -34.94 -5.18 -40.81
N LEU A 135 -34.85 -5.59 -39.55
CA LEU A 135 -34.24 -6.87 -39.20
C LEU A 135 -35.08 -8.05 -39.67
N ARG A 136 -34.41 -9.04 -40.26
CA ARG A 136 -35.04 -10.30 -40.65
C ARG A 136 -34.47 -11.39 -39.75
N GLU A 137 -35.29 -11.92 -38.85
CA GLU A 137 -34.83 -12.91 -37.88
C GLU A 137 -34.41 -14.22 -38.54
N GLU A 138 -34.94 -14.52 -39.73
CA GLU A 138 -34.55 -15.74 -40.42
C GLU A 138 -33.07 -15.74 -40.78
N ASP A 139 -32.48 -14.57 -40.94
CA ASP A 139 -31.07 -14.44 -41.30
C ASP A 139 -30.15 -14.37 -40.09
N LEU A 140 -30.66 -14.66 -38.89
CA LEU A 140 -29.86 -14.64 -37.68
C LEU A 140 -29.48 -16.06 -37.27
N ASN A 141 -28.20 -16.28 -37.03
CA ASN A 141 -27.68 -17.56 -36.56
CA ASN A 141 -27.68 -17.56 -36.56
C ASN A 141 -27.10 -17.36 -35.17
N PHE A 142 -27.75 -17.92 -34.16
CA PHE A 142 -27.33 -17.73 -32.78
C PHE A 142 -26.22 -18.72 -32.42
N GLU A 143 -25.09 -18.18 -32.00
CA GLU A 143 -23.98 -18.96 -31.45
C GLU A 143 -23.91 -18.69 -29.96
N GLN A 144 -24.13 -19.73 -29.16
CA GLN A 144 -24.27 -19.58 -27.71
C GLN A 144 -23.06 -20.15 -27.00
N TYR A 145 -22.53 -19.40 -26.04
CA TYR A 145 -21.30 -19.74 -25.34
C TYR A 145 -21.51 -19.68 -23.83
N LYS A 146 -20.65 -20.39 -23.12
CA LYS A 146 -20.58 -20.32 -21.66
C LYS A 146 -19.14 -20.00 -21.25
N VAL A 147 -18.99 -19.10 -20.30
CA VAL A 147 -17.70 -18.75 -19.71
C VAL A 147 -17.83 -18.87 -18.20
N CYS A 148 -17.11 -19.81 -17.60
CA CYS A 148 -17.24 -20.09 -16.18
C CYS A 148 -15.87 -20.27 -15.54
N MET A 149 -15.77 -19.91 -14.27
CA MET A 149 -14.60 -20.21 -13.46
C MET A 149 -15.03 -20.41 -12.02
N HIS A 150 -14.61 -21.53 -11.42
CA HIS A 150 -15.06 -21.92 -10.11
C HIS A 150 -13.99 -22.78 -9.45
N GLY A 151 -13.98 -22.75 -8.12
CA GLY A 151 -13.08 -23.60 -7.35
C GLY A 151 -13.66 -24.98 -7.10
N ALA A 161 -9.02 -27.08 -6.11
CA ALA A 161 -8.36 -26.23 -7.10
C ALA A 161 -9.37 -25.43 -7.91
N THR A 162 -8.86 -24.51 -8.73
CA THR A 162 -9.69 -23.64 -9.56
C THR A 162 -9.58 -24.05 -11.02
N VAL A 163 -10.70 -23.98 -11.73
CA VAL A 163 -10.79 -24.37 -13.13
C VAL A 163 -11.58 -23.28 -13.84
N PHE A 164 -11.17 -22.94 -15.07
CA PHE A 164 -11.96 -22.03 -15.90
C PHE A 164 -12.24 -22.69 -17.24
N GLU A 165 -13.50 -22.57 -17.67
CA GLU A 165 -14.05 -23.29 -18.80
C GLU A 165 -14.66 -22.29 -19.78
N VAL A 166 -14.29 -22.43 -21.04
CA VAL A 166 -14.88 -21.71 -22.15
C VAL A 166 -15.54 -22.76 -23.04
N ILE A 167 -16.85 -22.62 -23.27
CA ILE A 167 -17.65 -23.66 -23.89
C ILE A 167 -18.46 -23.08 -25.03
N ARG A 168 -18.36 -23.73 -26.19
CA ARG A 168 -19.25 -23.46 -27.31
C ARG A 168 -20.39 -24.47 -27.23
N GLU A 169 -21.60 -23.98 -26.92
CA GLU A 169 -22.74 -24.85 -26.76
C GLU A 169 -23.16 -25.45 -28.09
N LYS A 170 -23.68 -26.68 -28.03
CA LYS A 170 -24.18 -27.34 -29.22
C LYS A 170 -25.47 -26.68 -29.69
N ASP A 171 -25.58 -26.51 -31.00
CA ASP A 171 -26.80 -25.93 -31.56
C ASP A 171 -27.95 -26.92 -31.45
N ARG A 172 -29.04 -26.48 -30.84
CA ARG A 172 -30.23 -27.30 -30.64
C ARG A 172 -31.33 -26.86 -31.60
N GLN A 173 -32.19 -27.81 -31.96
CA GLN A 173 -33.20 -27.59 -32.99
C GLN A 173 -34.55 -27.25 -32.38
N GLY A 174 -35.31 -26.44 -33.09
CA GLY A 174 -36.67 -26.12 -32.67
C GLY A 174 -36.69 -25.33 -31.39
N ARG A 175 -37.65 -25.63 -30.52
CA ARG A 175 -37.75 -24.93 -29.24
C ARG A 175 -36.56 -25.19 -28.30
N ASP A 176 -35.97 -26.38 -28.36
CA ASP A 176 -34.83 -26.67 -27.51
C ASP A 176 -33.66 -25.73 -27.79
N LYS A 177 -33.72 -24.94 -28.87
CA LYS A 177 -32.66 -23.99 -29.19
C LYS A 177 -32.39 -23.05 -28.03
N PHE A 178 -33.43 -22.67 -27.30
CA PHE A 178 -33.28 -21.82 -26.11
C PHE A 178 -33.99 -22.48 -24.94
N ALA A 179 -33.51 -22.16 -23.74
CA ALA A 179 -34.06 -22.76 -22.53
C ALA A 179 -35.46 -22.25 -22.25
N LYS A 180 -36.19 -22.99 -21.42
CA LYS A 180 -37.56 -22.63 -21.11
C LYS A 180 -37.62 -21.38 -20.21
N TYR A 181 -36.76 -21.31 -19.21
CA TYR A 181 -36.75 -20.19 -18.28
C TYR A 181 -35.32 -19.75 -18.01
N SER A 182 -35.15 -18.44 -17.85
CA SER A 182 -33.91 -17.91 -17.28
C SER A 182 -33.98 -18.00 -15.77
N ALA A 183 -32.92 -17.55 -15.09
CA ALA A 183 -32.92 -17.57 -13.64
C ALA A 183 -33.97 -16.62 -13.07
N SER A 184 -34.07 -15.40 -13.62
CA SER A 184 -34.99 -14.42 -13.08
C SER A 184 -36.44 -14.79 -13.37
N GLU A 185 -36.69 -15.50 -14.48
CA GLU A 185 -38.05 -15.94 -14.77
C GLU A 185 -38.55 -16.93 -13.72
N VAL A 186 -37.69 -17.88 -13.34
CA VAL A 186 -38.07 -18.84 -12.29
C VAL A 186 -38.32 -18.11 -10.99
N HIS A 187 -37.51 -17.10 -10.67
CA HIS A 187 -37.72 -16.30 -9.48
C HIS A 187 -39.05 -15.54 -9.57
N PHE A 188 -39.31 -14.92 -10.72
CA PHE A 188 -40.57 -14.19 -10.93
C PHE A 188 -41.77 -15.08 -10.64
N LEU A 189 -41.76 -16.31 -11.17
CA LEU A 189 -42.91 -17.19 -11.02
C LEU A 189 -42.99 -17.77 -9.62
N ARG A 190 -41.85 -18.02 -8.97
CA ARG A 190 -41.88 -18.46 -7.58
C ARG A 190 -42.45 -17.39 -6.67
N GLN A 191 -42.15 -16.13 -6.95
CA GLN A 191 -42.75 -15.04 -6.19
C GLN A 191 -44.23 -14.91 -6.51
N LEU A 192 -44.60 -15.07 -7.78
CA LEU A 192 -46.01 -14.94 -8.17
C LEU A 192 -46.87 -16.01 -7.52
N PHE A 193 -46.36 -17.24 -7.46
CA PHE A 193 -47.10 -18.34 -6.85
C PHE A 193 -46.90 -18.44 -5.34
N ARG A 194 -46.08 -17.56 -4.76
CA ARG A 194 -45.82 -17.54 -3.33
C ARG A 194 -45.42 -18.92 -2.81
N ASN A 195 -44.40 -19.49 -3.46
CA ASN A 195 -43.91 -20.82 -3.09
C ASN A 195 -42.53 -20.98 -3.73
N HIS A 196 -41.49 -20.63 -2.97
CA HIS A 196 -40.14 -20.64 -3.51
C HIS A 196 -39.57 -22.04 -3.70
N ARG A 197 -40.26 -23.07 -3.21
CA ARG A 197 -39.78 -24.44 -3.36
C ARG A 197 -40.31 -25.13 -4.61
N LEU A 198 -41.14 -24.46 -5.40
CA LEU A 198 -41.67 -25.07 -6.61
C LEU A 198 -40.56 -25.39 -7.60
N THR A 199 -40.61 -26.58 -8.19
CA THR A 199 -39.66 -26.95 -9.22
C THR A 199 -40.07 -26.37 -10.57
N ILE A 200 -39.13 -26.42 -11.53
CA ILE A 200 -39.42 -25.93 -12.87
C ILE A 200 -40.55 -26.72 -13.49
N LYS A 201 -40.57 -28.04 -13.28
CA LYS A 201 -41.66 -28.87 -13.81
C LYS A 201 -43.00 -28.47 -13.19
N GLU A 202 -43.01 -28.20 -11.88
CA GLU A 202 -44.24 -27.74 -11.24
C GLU A 202 -44.65 -26.38 -11.78
N ILE A 203 -43.68 -25.48 -12.00
CA ILE A 203 -43.98 -24.14 -12.51
C ILE A 203 -44.55 -24.23 -13.93
N GLU A 204 -43.99 -25.13 -14.75
CA GLU A 204 -44.53 -25.35 -16.08
C GLU A 204 -46.01 -25.72 -16.04
N GLY A 205 -46.42 -26.47 -15.02
CA GLY A 205 -47.81 -26.91 -14.97
C GLY A 205 -48.77 -25.77 -14.70
N ARG A 206 -48.32 -24.75 -14.00
CA ARG A 206 -49.21 -23.66 -13.65
C ARG A 206 -49.57 -22.77 -14.80
N GLN A 207 -50.83 -22.42 -14.88
CA GLN A 207 -51.31 -21.56 -15.95
C GLN A 207 -51.11 -20.09 -15.60
N LEU A 208 -51.03 -19.27 -16.64
CA LEU A 208 -50.83 -17.83 -16.49
C LEU A 208 -51.84 -17.10 -17.36
N ASN A 209 -52.46 -16.06 -16.79
CA ASN A 209 -53.38 -15.26 -17.57
C ASN A 209 -52.59 -14.35 -18.53
N GLN A 210 -53.32 -13.61 -19.35
CA GLN A 210 -52.68 -12.77 -20.35
C GLN A 210 -51.87 -11.65 -19.71
N ASN A 211 -52.34 -11.11 -18.59
CA ASN A 211 -51.61 -10.03 -17.92
C ASN A 211 -50.31 -10.55 -17.31
N GLN A 212 -50.33 -11.76 -16.76
CA GLN A 212 -49.13 -12.31 -16.13
C GLN A 212 -48.06 -12.62 -17.18
N LEU A 213 -48.46 -13.19 -18.32
CA LEU A 213 -47.50 -13.49 -19.38
C LEU A 213 -46.89 -12.20 -19.94
N ARG A 214 -47.70 -11.15 -20.07
CA ARG A 214 -47.19 -9.86 -20.53
C ARG A 214 -46.14 -9.32 -19.58
N GLN A 215 -46.40 -9.41 -18.27
CA GLN A 215 -45.44 -8.93 -17.29
CA GLN A 215 -45.45 -8.94 -17.28
C GLN A 215 -44.18 -9.79 -17.30
N LEU A 216 -44.33 -11.11 -17.45
CA LEU A 216 -43.16 -11.99 -17.48
C LEU A 216 -42.28 -11.69 -18.68
N GLY A 217 -42.88 -11.32 -19.82
CA GLY A 217 -42.10 -11.03 -21.00
C GLY A 217 -41.25 -9.78 -20.87
N ARG A 218 -41.78 -8.76 -20.21
CA ARG A 218 -41.01 -7.54 -19.96
C ARG A 218 -40.17 -7.61 -18.70
N SER A 219 -40.30 -8.68 -17.91
CA SER A 219 -39.40 -8.88 -16.78
C SER A 219 -37.98 -9.16 -17.24
N VAL A 220 -37.83 -9.70 -18.45
CA VAL A 220 -36.53 -9.85 -19.09
C VAL A 220 -36.44 -8.82 -20.21
N ASN A 221 -35.32 -8.13 -20.28
CA ASN A 221 -35.10 -7.10 -21.29
C ASN A 221 -33.62 -6.79 -21.33
N PHE A 222 -33.10 -6.59 -22.53
CA PHE A 222 -31.68 -6.32 -22.72
C PHE A 222 -31.44 -4.82 -22.84
N THR A 223 -30.22 -4.42 -22.50
CA THR A 223 -29.79 -3.03 -22.57
C THR A 223 -28.62 -2.94 -23.53
N ARG A 224 -28.68 -2.00 -24.46
CA ARG A 224 -27.58 -1.78 -25.39
C ARG A 224 -26.46 -1.03 -24.71
N VAL A 225 -25.23 -1.51 -24.88
CA VAL A 225 -24.04 -0.78 -24.43
C VAL A 225 -23.70 0.25 -25.49
N GLU A 226 -23.67 1.52 -25.11
CA GLU A 226 -23.43 2.60 -26.04
C GLU A 226 -22.11 3.30 -25.73
N PRO A 227 -21.23 3.45 -26.73
CA PRO A 227 -20.02 4.24 -26.50
C PRO A 227 -20.36 5.68 -26.12
N GLY A 228 -19.51 6.27 -25.28
CA GLY A 228 -19.68 7.63 -24.85
C GLY A 228 -18.93 8.62 -25.74
N GLN A 229 -18.75 9.83 -25.21
CA GLN A 229 -18.07 10.90 -25.94
C GLN A 229 -16.57 10.95 -25.64
N GLN A 230 -16.03 9.99 -24.90
CA GLN A 230 -14.65 10.02 -24.46
C GLN A 230 -13.95 8.72 -24.83
N ARG A 231 -12.83 8.82 -25.52
CA ARG A 231 -11.99 7.67 -25.83
C ARG A 231 -10.99 7.46 -24.71
N ILE A 232 -10.78 6.19 -24.34
CA ILE A 232 -9.92 5.84 -23.22
C ILE A 232 -8.69 5.05 -23.67
N ASP A 233 -8.36 5.12 -24.96
CA ASP A 233 -7.23 4.36 -25.50
C ASP A 233 -5.95 4.61 -24.71
N ASN A 234 -5.70 5.85 -24.34
CA ASN A 234 -4.43 6.27 -23.74
C ASN A 234 -4.52 6.48 -22.24
N PHE A 235 -5.51 5.89 -21.58
CA PHE A 235 -5.67 6.09 -20.14
C PHE A 235 -4.56 5.41 -19.36
N MET A 236 -4.12 4.24 -19.80
CA MET A 236 -3.02 3.55 -19.11
C MET A 236 -1.69 4.25 -19.35
N GLU A 237 -1.54 4.94 -20.48
CA GLU A 237 -0.36 5.78 -20.69
C GLU A 237 -0.25 6.85 -19.61
N MET A 238 -1.38 7.40 -19.19
CA MET A 238 -1.38 8.41 -18.13
C MET A 238 -0.90 7.82 -16.81
N LEU A 239 -1.17 6.54 -16.57
CA LEU A 239 -0.78 5.91 -15.31
C LEU A 239 0.62 5.29 -15.37
N ALA A 240 1.15 5.05 -16.57
CA ALA A 240 2.52 4.53 -16.73
C ALA A 240 3.49 5.70 -16.65
N SER A 241 3.66 6.21 -15.42
CA SER A 241 4.44 7.41 -15.18
C SER A 241 5.19 7.26 -13.87
N ASN A 242 6.33 7.96 -13.77
CA ASN A 242 7.11 8.02 -12.54
C ASN A 242 6.94 9.34 -11.80
N GLN A 243 5.92 10.12 -12.17
CA GLN A 243 5.67 11.43 -11.56
C GLN A 243 4.33 11.37 -10.83
N ARG A 244 4.37 11.53 -9.51
CA ARG A 244 3.16 11.35 -8.71
C ARG A 244 2.12 12.43 -9.01
N GLN A 245 2.56 13.65 -9.33
CA GLN A 245 1.60 14.71 -9.66
C GLN A 245 0.87 14.39 -10.95
N ASP A 246 1.56 13.80 -11.93
CA ASP A 246 0.91 13.43 -13.18
C ASP A 246 -0.10 12.31 -12.96
N VAL A 247 0.28 11.29 -12.18
CA VAL A 247 -0.64 10.19 -11.91
C VAL A 247 -1.85 10.68 -11.13
N ARG A 248 -1.62 11.55 -10.13
CA ARG A 248 -2.73 12.06 -9.33
C ARG A 248 -3.68 12.89 -10.17
N ASP A 249 -3.14 13.73 -11.05
CA ASP A 249 -3.98 14.56 -11.91
C ASP A 249 -4.80 13.71 -12.87
N SER A 250 -4.20 12.65 -13.42
CA SER A 250 -4.91 11.81 -14.38
C SER A 250 -6.00 10.99 -13.69
N LEU A 251 -5.74 10.53 -12.47
CA LEU A 251 -6.77 9.81 -11.72
C LEU A 251 -7.90 10.75 -11.29
N ARG A 252 -7.52 11.92 -10.74
CA ARG A 252 -8.54 12.88 -10.29
C ARG A 252 -9.45 13.30 -11.42
N GLY A 253 -8.93 13.37 -12.64
CA GLY A 253 -9.73 13.81 -13.77
C GLY A 253 -10.23 12.66 -14.62
N ASP A 254 -9.58 12.46 -15.77
CA ASP A 254 -10.13 11.61 -16.83
C ASP A 254 -10.51 10.21 -16.33
N ILE A 255 -9.58 9.54 -15.63
CA ILE A 255 -9.72 8.10 -15.39
C ILE A 255 -10.87 7.82 -14.42
N LEU A 256 -10.79 8.38 -13.21
CA LEU A 256 -11.81 8.07 -12.21
C LEU A 256 -13.14 8.72 -12.53
N GLU A 257 -13.13 9.85 -13.25
CA GLU A 257 -14.39 10.39 -13.75
C GLU A 257 -15.04 9.44 -14.73
N TYR A 258 -14.23 8.83 -15.61
CA TYR A 258 -14.79 7.90 -16.59
C TYR A 258 -15.36 6.66 -15.93
N VAL A 259 -14.64 6.09 -14.97
CA VAL A 259 -15.07 4.83 -14.35
C VAL A 259 -16.37 5.04 -13.59
N THR A 260 -16.45 6.12 -12.80
CA THR A 260 -17.65 6.36 -12.00
C THR A 260 -18.83 6.79 -12.87
N ASP A 261 -18.56 7.56 -13.94
CA ASP A 261 -19.65 7.99 -14.81
C ASP A 261 -20.19 6.82 -15.63
N THR A 262 -19.31 5.93 -16.08
CA THR A 262 -19.76 4.74 -16.79
C THR A 262 -20.59 3.84 -15.87
N TYR A 263 -20.16 3.70 -14.62
CA TYR A 263 -20.96 2.98 -13.63
C TYR A 263 -22.33 3.62 -13.47
N ASN A 264 -22.39 4.96 -13.45
CA ASN A 264 -23.66 5.65 -13.30
C ASN A 264 -24.59 5.40 -14.48
N ASN A 265 -24.02 5.26 -15.69
CA ASN A 265 -24.84 5.08 -16.89
C ASN A 265 -25.62 3.78 -16.87
N TYR A 266 -25.16 2.78 -16.13
CA TYR A 266 -25.84 1.49 -16.03
C TYR A 266 -26.31 1.20 -14.60
N ARG A 267 -26.48 2.25 -13.79
CA ARG A 267 -26.81 2.07 -12.38
C ARG A 267 -28.15 1.35 -12.21
N ALA A 268 -29.12 1.63 -13.09
CA ALA A 268 -30.42 0.99 -12.97
C ALA A 268 -30.34 -0.51 -13.25
N GLN A 269 -29.50 -0.91 -14.20
CA GLN A 269 -29.35 -2.34 -14.49
C GLN A 269 -28.56 -3.05 -13.41
N ILE A 270 -27.68 -2.34 -12.71
CA ILE A 270 -26.86 -2.96 -11.68
C ILE A 270 -27.65 -3.12 -10.39
N GLU A 271 -28.44 -2.12 -10.02
CA GLU A 271 -29.05 -2.06 -8.69
C GLU A 271 -30.40 -2.76 -8.60
N ASN A 272 -31.12 -2.91 -9.70
CA ASN A 272 -32.50 -3.38 -9.65
CA ASN A 272 -32.50 -3.37 -9.65
C ASN A 272 -32.59 -4.89 -9.78
N ASN A 273 -33.69 -5.44 -9.27
CA ASN A 273 -34.02 -6.86 -9.36
C ASN A 273 -32.99 -7.74 -8.66
N ILE A 274 -32.44 -7.25 -7.55
CA ILE A 274 -31.54 -8.05 -6.73
C ILE A 274 -31.56 -7.49 -5.31
N GLU A 275 -31.54 -8.38 -4.33
CA GLU A 275 -31.47 -8.01 -2.93
C GLU A 275 -30.17 -8.53 -2.33
N GLY A 276 -29.68 -7.85 -1.29
CA GLY A 276 -28.44 -8.25 -0.66
C GLY A 276 -27.24 -8.19 -1.57
N ARG A 277 -27.27 -7.30 -2.56
CA ARG A 277 -26.16 -7.11 -3.48
C ARG A 277 -24.86 -6.86 -2.73
N SER A 278 -23.80 -7.56 -3.14
CA SER A 278 -22.48 -7.40 -2.53
C SER A 278 -21.79 -6.24 -3.23
N GLN A 279 -21.98 -5.03 -2.67
CA GLN A 279 -21.39 -3.84 -3.28
CA GLN A 279 -21.39 -3.84 -3.28
C GLN A 279 -19.87 -3.91 -3.28
N LYS A 280 -19.29 -4.50 -2.24
CA LYS A 280 -17.83 -4.60 -2.15
C LYS A 280 -17.24 -5.35 -3.35
N PHE A 281 -17.68 -6.59 -3.55
CA PHE A 281 -17.08 -7.41 -4.59
C PHE A 281 -17.47 -6.94 -5.99
N GLU A 282 -18.69 -6.43 -6.16
CA GLU A 282 -19.07 -5.90 -7.46
C GLU A 282 -18.29 -4.64 -7.80
N SER A 283 -18.03 -3.78 -6.80
CA SER A 283 -17.24 -2.58 -7.07
C SER A 283 -15.82 -2.93 -7.50
N HIS A 284 -15.21 -3.93 -6.85
CA HIS A 284 -13.87 -4.34 -7.24
C HIS A 284 -13.89 -5.03 -8.60
N GLY A 285 -14.92 -5.83 -8.88
CA GLY A 285 -15.03 -6.45 -10.20
C GLY A 285 -15.18 -5.44 -11.31
N PHE A 286 -15.95 -4.37 -11.05
CA PHE A 286 -16.14 -3.34 -12.07
C PHE A 286 -14.82 -2.64 -12.39
N LEU A 287 -14.06 -2.28 -11.36
CA LEU A 287 -12.77 -1.63 -11.58
C LEU A 287 -11.80 -2.56 -12.30
N LEU A 288 -11.82 -3.85 -11.95
CA LEU A 288 -10.91 -4.80 -12.57
C LEU A 288 -11.23 -5.01 -14.05
N GLY A 289 -12.51 -4.98 -14.41
CA GLY A 289 -12.88 -5.11 -15.81
C GLY A 289 -12.38 -3.96 -16.65
N PHE A 290 -12.31 -2.76 -16.08
CA PHE A 290 -11.75 -1.61 -16.77
C PHE A 290 -10.25 -1.80 -17.01
N LEU A 291 -9.53 -2.24 -15.97
CA LEU A 291 -8.09 -2.47 -16.11
C LEU A 291 -7.79 -3.63 -17.04
N ALA A 292 -8.66 -4.66 -17.07
CA ALA A 292 -8.41 -5.83 -17.88
C ALA A 292 -8.49 -5.52 -19.38
N ASN A 293 -9.19 -4.46 -19.77
CA ASN A 293 -9.25 -4.07 -21.17
C ASN A 293 -7.93 -3.52 -21.69
N PHE A 294 -6.94 -3.34 -20.82
CA PHE A 294 -5.60 -2.93 -21.22
C PHE A 294 -4.55 -4.00 -20.94
N SER A 295 -4.96 -5.14 -20.39
CA SER A 295 -4.00 -6.15 -19.95
C SER A 295 -3.20 -6.75 -21.10
N HIS A 296 -3.72 -6.70 -22.31
CA HIS A 296 -3.02 -7.24 -23.48
C HIS A 296 -1.99 -6.27 -24.05
N ARG A 297 -1.89 -5.05 -23.52
CA ARG A 297 -0.99 -4.04 -24.05
C ARG A 297 -0.04 -3.47 -23.01
N TYR A 298 -0.23 -3.75 -21.72
CA TYR A 298 0.60 -3.21 -20.67
C TYR A 298 0.92 -4.30 -19.66
N THR A 299 2.04 -4.13 -18.97
CA THR A 299 2.41 -5.00 -17.85
C THR A 299 1.81 -4.37 -16.59
N ILE A 300 0.62 -4.83 -16.22
CA ILE A 300 -0.12 -4.30 -15.08
C ILE A 300 -0.06 -5.34 -13.96
N GLY A 301 0.38 -4.94 -12.79
CA GLY A 301 0.33 -5.77 -11.61
C GLY A 301 -0.77 -5.29 -10.70
N VAL A 302 -1.70 -6.20 -10.37
CA VAL A 302 -2.87 -5.87 -9.55
C VAL A 302 -2.84 -6.72 -8.30
N ASP A 303 -2.78 -6.07 -7.14
CA ASP A 303 -2.78 -6.76 -5.85
C ASP A 303 -4.11 -6.51 -5.15
N LEU A 304 -4.86 -7.57 -4.91
CA LEU A 304 -6.22 -7.52 -4.41
C LEU A 304 -6.26 -8.13 -3.01
N ASP A 305 -6.70 -7.35 -2.02
CA ASP A 305 -6.97 -7.85 -0.68
C ASP A 305 -8.45 -7.62 -0.40
N LEU A 306 -9.27 -8.63 -0.70
CA LEU A 306 -10.71 -8.58 -0.46
C LEU A 306 -11.10 -9.49 0.69
N SER A 307 -10.20 -9.72 1.63
CA SER A 307 -10.46 -10.54 2.81
C SER A 307 -11.54 -9.86 3.66
N PRO A 308 -12.16 -10.58 4.59
CA PRO A 308 -13.08 -9.91 5.53
C PRO A 308 -12.40 -8.75 6.23
N ARG A 309 -13.11 -7.62 6.32
CA ARG A 309 -12.66 -6.37 6.92
C ARG A 309 -11.60 -5.66 6.09
N ASN A 310 -11.47 -5.99 4.81
CA ASN A 310 -10.50 -5.33 3.93
C ASN A 310 -11.07 -5.18 2.53
N SER A 311 -10.87 -4.01 1.94
CA SER A 311 -11.33 -3.71 0.59
C SER A 311 -10.27 -2.88 -0.14
N HIS A 312 -9.10 -3.48 -0.35
CA HIS A 312 -7.95 -2.80 -0.93
C HIS A 312 -7.64 -3.36 -2.32
N VAL A 313 -7.28 -2.46 -3.23
CA VAL A 313 -6.69 -2.86 -4.51
C VAL A 313 -5.52 -1.92 -4.79
N ALA A 314 -4.32 -2.48 -4.89
CA ALA A 314 -3.12 -1.73 -5.24
C ALA A 314 -2.63 -2.26 -6.58
N PHE A 315 -2.33 -1.35 -7.51
CA PHE A 315 -1.85 -1.76 -8.82
C PHE A 315 -0.79 -0.81 -9.33
N LEU A 316 -0.02 -1.32 -10.30
CA LEU A 316 1.12 -0.64 -10.89
C LEU A 316 1.02 -0.78 -12.41
N VAL A 317 1.18 0.33 -13.12
CA VAL A 317 1.01 0.36 -14.57
C VAL A 317 2.34 0.71 -15.22
N ARG A 318 2.78 -0.11 -16.16
CA ARG A 318 4.00 0.13 -16.90
C ARG A 318 3.91 -0.62 -18.22
N HIS A 319 4.81 -0.28 -19.14
CA HIS A 319 4.92 -1.03 -20.39
C HIS A 319 5.50 -2.41 -20.13
N GLN A 320 6.65 -2.47 -19.47
CA GLN A 320 7.27 -3.73 -19.06
C GLN A 320 8.49 -3.58 -18.16
N VAL A 321 9.47 -2.80 -18.56
CA VAL A 321 10.73 -2.74 -17.82
C VAL A 321 10.91 -1.58 -16.85
N GLU A 322 9.96 -0.65 -16.85
CA GLU A 322 10.12 0.51 -15.97
C GLU A 322 10.30 0.09 -14.53
N ARG A 323 11.18 0.78 -13.82
CA ARG A 323 11.58 0.41 -12.47
C ARG A 323 11.06 1.33 -11.38
N GLU A 324 10.51 2.50 -11.73
CA GLU A 324 10.11 3.47 -10.71
C GLU A 324 8.74 4.06 -10.98
N ASN A 325 7.82 3.29 -11.54
CA ASN A 325 6.47 3.83 -11.77
C ASN A 325 5.68 3.86 -10.47
N ILE A 326 4.70 4.76 -10.43
CA ILE A 326 3.98 5.10 -9.21
C ILE A 326 2.93 4.03 -8.87
N PRO A 327 2.98 3.45 -7.68
CA PRO A 327 1.90 2.55 -7.26
C PRO A 327 0.63 3.33 -6.95
N ILE A 328 -0.51 2.74 -7.30
CA ILE A 328 -1.82 3.33 -7.04
C ILE A 328 -2.56 2.43 -6.06
N VAL A 329 -2.94 2.99 -4.92
CA VAL A 329 -3.55 2.23 -3.82
C VAL A 329 -4.96 2.76 -3.62
N ILE A 330 -5.96 1.90 -3.81
CA ILE A 330 -7.37 2.28 -3.74
C ILE A 330 -8.04 1.50 -2.63
N ASN A 331 -8.92 2.18 -1.90
CA ASN A 331 -9.78 1.57 -0.90
C ASN A 331 -11.23 1.78 -1.33
N LEU A 332 -11.95 0.69 -1.54
CA LEU A 332 -13.32 0.73 -2.06
C LEU A 332 -14.29 0.62 -0.89
N ALA A 333 -14.92 1.74 -0.55
CA ALA A 333 -15.93 1.75 0.50
C ALA A 333 -17.31 1.53 -0.10
N THR A 334 -18.21 0.95 0.72
CA THR A 334 -19.59 0.76 0.33
C THR A 334 -20.58 1.51 1.21
N ARG A 335 -20.20 1.86 2.43
CA ARG A 335 -21.07 2.59 3.36
C ARG A 335 -20.46 3.91 3.83
N ALA A 336 -19.17 3.92 4.13
CA ALA A 336 -18.50 5.15 4.56
C ALA A 336 -18.27 6.08 3.37
N PRO A 337 -18.20 7.38 3.61
CA PRO A 337 -17.96 8.31 2.50
C PRO A 337 -16.54 8.16 1.98
N PRO A 338 -16.29 8.48 0.72
CA PRO A 338 -14.97 8.23 0.13
C PRO A 338 -13.84 9.01 0.79
N TYR A 339 -14.13 10.11 1.48
CA TYR A 339 -13.05 10.81 2.19
C TYR A 339 -12.55 10.00 3.38
N ILE A 340 -13.40 9.18 3.98
CA ILE A 340 -12.91 8.23 4.99
C ILE A 340 -12.16 7.09 4.32
N ALA A 341 -12.66 6.60 3.18
CA ALA A 341 -11.96 5.56 2.42
C ALA A 341 -10.57 6.03 1.98
N LEU A 342 -10.41 7.33 1.72
CA LEU A 342 -9.11 7.85 1.36
C LEU A 342 -8.14 7.75 2.53
N ASN A 343 -8.61 7.98 3.75
CA ASN A 343 -7.76 7.82 4.93
C ASN A 343 -7.28 6.38 5.08
N ARG A 344 -8.18 5.42 4.83
CA ARG A 344 -7.78 4.01 4.88
C ARG A 344 -6.80 3.69 3.77
N ALA A 345 -7.01 4.25 2.58
CA ALA A 345 -6.09 3.99 1.47
C ALA A 345 -4.73 4.62 1.73
N ARG A 346 -4.70 5.81 2.35
CA ARG A 346 -3.43 6.43 2.69
C ARG A 346 -2.66 5.60 3.71
N SER A 347 -3.36 5.04 4.70
CA SER A 347 -2.71 4.19 5.68
C SER A 347 -2.21 2.90 5.04
N HIS A 348 -3.00 2.32 4.13
CA HIS A 348 -2.58 1.12 3.43
C HIS A 348 -1.36 1.39 2.54
N ALA A 349 -1.32 2.57 1.92
CA ALA A 349 -0.20 2.89 1.03
C ALA A 349 1.08 3.16 1.81
N GLU A 350 0.96 3.79 2.99
CA GLU A 350 2.14 4.06 3.80
C GLU A 350 2.83 2.77 4.21
N ARG A 351 2.07 1.70 4.43
CA ARG A 351 2.59 0.41 4.87
C ARG A 351 2.52 -0.63 3.75
N LEU A 352 2.75 -0.19 2.52
CA LEU A 352 2.60 -1.09 1.37
C LEU A 352 3.60 -2.23 1.40
N HIS A 353 4.78 -2.02 1.99
CA HIS A 353 5.76 -3.09 2.09
C HIS A 353 5.23 -4.25 2.94
N VAL A 354 4.32 -3.97 3.87
CA VAL A 354 3.74 -5.02 4.70
C VAL A 354 2.68 -5.79 3.93
N PHE A 355 1.85 -5.11 3.15
CA PHE A 355 0.62 -5.68 2.63
C PHE A 355 0.74 -6.22 1.21
N SER A 356 1.65 -5.72 0.40
CA SER A 356 1.55 -5.92 -1.04
C SER A 356 2.90 -6.31 -1.64
N PHE A 357 2.82 -7.00 -2.79
CA PHE A 357 3.99 -7.30 -3.61
C PHE A 357 4.33 -6.17 -4.57
N ILE A 358 3.49 -5.13 -4.63
CA ILE A 358 3.74 -4.03 -5.58
C ILE A 358 5.10 -3.37 -5.34
N PRO A 359 5.52 -3.06 -4.10
CA PRO A 359 6.84 -2.44 -3.92
C PRO A 359 8.01 -3.30 -4.38
N ILE A 360 7.80 -4.58 -4.66
CA ILE A 360 8.85 -5.39 -5.26
C ILE A 360 9.03 -5.08 -6.73
N HIS A 361 7.99 -4.56 -7.39
CA HIS A 361 8.02 -4.27 -8.81
C HIS A 361 8.34 -2.81 -9.13
N THR A 362 8.52 -1.96 -8.11
CA THR A 362 8.85 -0.56 -8.33
C THR A 362 9.66 -0.06 -7.14
N GLU A 363 10.64 0.79 -7.43
CA GLU A 363 11.45 1.42 -6.39
C GLU A 363 10.99 2.83 -6.08
N SER A 364 9.76 3.17 -6.46
CA SER A 364 9.23 4.49 -6.15
C SER A 364 8.96 4.64 -4.66
N ARG A 365 9.35 5.80 -4.11
CA ARG A 365 9.06 6.13 -2.73
C ARG A 365 7.79 6.95 -2.59
N ASN A 366 7.08 7.21 -3.69
CA ASN A 366 5.84 7.96 -3.68
C ASN A 366 4.71 7.07 -4.19
N THR A 367 3.52 7.23 -3.60
CA THR A 367 2.33 6.51 -4.02
C THR A 367 1.17 7.48 -4.17
N VAL A 368 0.17 7.04 -4.93
CA VAL A 368 -1.10 7.75 -5.05
C VAL A 368 -2.17 6.89 -4.40
N CYS A 369 -2.92 7.48 -3.47
CA CYS A 369 -3.96 6.78 -2.73
C CYS A 369 -5.33 7.34 -3.11
N VAL A 370 -6.32 6.46 -3.13
CA VAL A 370 -7.66 6.81 -3.61
C VAL A 370 -8.71 6.18 -2.70
N GLY A 371 -9.67 6.98 -2.27
CA GLY A 371 -10.89 6.47 -1.68
C GLY A 371 -12.00 6.56 -2.71
N LEU A 372 -12.74 5.47 -2.86
CA LEU A 372 -13.76 5.39 -3.90
C LEU A 372 -14.98 4.65 -3.38
N ASN A 373 -16.16 5.20 -3.65
CA ASN A 373 -17.44 4.57 -3.31
C ASN A 373 -18.39 4.83 -4.48
N PHE A 374 -18.69 3.78 -5.25
CA PHE A 374 -19.51 3.94 -6.45
C PHE A 374 -20.94 4.37 -6.13
N ASN A 375 -21.41 4.12 -4.91
CA ASN A 375 -22.81 4.41 -4.59
C ASN A 375 -23.09 5.90 -4.46
N LEU A 376 -22.07 6.71 -4.16
CA LEU A 376 -22.28 8.15 -4.01
C LEU A 376 -22.49 8.81 -5.37
N ASN A 377 -23.46 9.72 -5.43
CA ASN A 377 -23.69 10.48 -6.65
C ASN A 377 -22.77 11.70 -6.72
N LEU A 378 -22.57 12.39 -5.60
CA LEU A 378 -21.64 13.49 -5.51
C LEU A 378 -20.35 13.01 -4.85
N ASP A 379 -19.22 13.38 -5.44
CA ASP A 379 -17.89 13.05 -4.92
C ASP A 379 -17.70 11.56 -4.63
N PRO A 380 -17.86 10.68 -5.62
CA PRO A 380 -17.62 9.25 -5.38
C PRO A 380 -16.15 8.90 -5.16
N PHE A 381 -15.21 9.83 -5.37
CA PHE A 381 -13.81 9.50 -5.16
C PHE A 381 -13.03 10.73 -4.68
N SER A 382 -11.92 10.45 -3.99
CA SER A 382 -10.96 11.46 -3.56
C SER A 382 -9.56 10.88 -3.74
N VAL A 383 -8.59 11.74 -4.04
CA VAL A 383 -7.24 11.32 -4.38
C VAL A 383 -6.24 12.14 -3.59
N ASP A 384 -5.14 11.49 -3.20
CA ASP A 384 -4.03 12.15 -2.53
C ASP A 384 -2.76 11.38 -2.84
N THR A 385 -1.62 11.93 -2.44
CA THR A 385 -0.33 11.27 -2.55
C THR A 385 0.30 11.15 -1.16
N VAL A 386 1.09 10.09 -0.98
CA VAL A 386 1.74 9.84 0.31
C VAL A 386 3.03 9.08 0.05
N GLY A 387 4.02 9.32 0.92
CA GLY A 387 5.29 8.65 0.80
C GLY A 387 5.24 7.23 1.35
N LEU A 388 6.06 6.36 0.76
CA LEU A 388 6.13 4.97 1.17
C LEU A 388 7.14 4.83 2.31
N GLN A 389 6.69 4.24 3.42
CA GLN A 389 7.51 4.08 4.61
C GLN A 389 8.13 2.69 4.65
N GLN A 390 9.15 2.56 5.49
CA GLN A 390 9.85 1.30 5.67
C GLN A 390 9.14 0.44 6.71
N ASP A 391 9.18 -0.87 6.51
CA ASP A 391 8.57 -1.84 7.42
C ASP A 391 9.65 -2.33 8.36
N ARG A 392 9.82 -1.61 9.49
CA ARG A 392 10.85 -1.92 10.49
C ARG A 392 10.26 -1.65 11.88
N PHE A 393 9.45 -2.60 12.35
CA PHE A 393 8.78 -2.46 13.64
C PHE A 393 9.60 -3.14 14.72
N PRO A 394 10.01 -2.43 15.78
CA PRO A 394 10.77 -3.08 16.86
C PRO A 394 9.87 -3.61 17.96
N LEU A 395 9.63 -4.93 17.95
CA LEU A 395 8.60 -5.50 18.82
C LEU A 395 8.92 -5.32 20.30
N VAL A 396 10.13 -5.71 20.71
CA VAL A 396 10.48 -5.65 22.13
C VAL A 396 10.53 -4.21 22.61
N GLN A 397 11.01 -3.30 21.76
CA GLN A 397 11.08 -1.89 22.15
C GLN A 397 9.68 -1.32 22.35
N ARG A 398 8.74 -1.67 21.48
CA ARG A 398 7.37 -1.15 21.63
C ARG A 398 6.64 -1.81 22.80
N LEU A 399 7.04 -3.03 23.16
CA LEU A 399 6.43 -3.68 24.32
C LEU A 399 6.72 -2.90 25.60
N PHE A 400 7.95 -2.40 25.74
CA PHE A 400 8.28 -1.57 26.89
C PHE A 400 7.63 -0.19 26.79
N GLU A 401 7.42 0.31 25.57
CA GLU A 401 6.83 1.62 25.39
C GLU A 401 5.33 1.63 25.64
N CYS A 402 4.64 0.52 25.35
CA CYS A 402 3.20 0.45 25.54
C CYS A 402 2.80 0.41 27.01
N LEU A 403 3.76 0.33 27.93
CA LEU A 403 3.43 0.30 29.35
C LEU A 403 2.81 1.62 29.81
N GLU A 404 3.35 2.74 29.33
CA GLU A 404 2.90 4.06 29.78
C GLU A 404 2.31 4.91 28.65
N ASN A 405 2.07 4.33 27.47
CA ASN A 405 1.65 5.11 26.32
C ASN A 405 0.46 4.48 25.63
N GLU A 406 -0.48 5.32 25.21
CA GLU A 406 -1.69 4.88 24.54
C GLU A 406 -1.40 4.52 23.08
N GLY A 407 -2.28 3.70 22.51
CA GLY A 407 -2.23 3.37 21.11
C GLY A 407 -1.10 2.46 20.68
N ILE A 408 -0.09 2.23 21.53
CA ILE A 408 1.00 1.34 21.15
C ILE A 408 0.53 -0.11 21.12
N ARG A 409 -0.41 -0.47 22.00
CA ARG A 409 -0.97 -1.82 21.96
C ARG A 409 -1.62 -2.12 20.62
N GLU A 410 -2.32 -1.13 20.06
CA GLU A 410 -2.91 -1.30 18.72
C GLU A 410 -1.83 -1.51 17.67
N ASN A 411 -0.71 -0.77 17.78
CA ASN A 411 0.38 -0.94 16.83
C ASN A 411 1.03 -2.31 16.97
N ILE A 412 1.21 -2.79 18.21
CA ILE A 412 1.76 -4.12 18.42
C ILE A 412 0.82 -5.17 17.85
N ARG A 413 -0.48 -5.03 18.11
CA ARG A 413 -1.46 -5.95 17.56
C ARG A 413 -1.46 -5.93 16.04
N ASP A 414 -1.39 -4.73 15.45
CA ASP A 414 -1.36 -4.62 13.99
C ASP A 414 -0.10 -5.24 13.42
N PHE A 415 1.02 -5.08 14.11
CA PHE A 415 2.28 -5.66 13.63
C PHE A 415 2.17 -7.18 13.50
N LEU A 416 1.58 -7.84 14.49
CA LEU A 416 1.49 -9.29 14.47
C LEU A 416 0.47 -9.77 13.44
N LEU A 417 -0.71 -9.14 13.43
CA LEU A 417 -1.77 -9.59 12.54
C LEU A 417 -1.44 -9.32 11.08
N HIS A 418 -0.86 -8.16 10.79
CA HIS A 418 -0.60 -7.78 9.40
C HIS A 418 0.50 -8.61 8.76
N HIS A 419 1.31 -9.31 9.54
CA HIS A 419 2.36 -10.16 9.00
C HIS A 419 1.95 -11.63 8.94
N LEU A 420 0.70 -11.94 9.28
CA LEU A 420 0.18 -13.28 9.04
C LEU A 420 0.16 -13.54 7.53
N PRO A 421 0.36 -14.80 7.12
CA PRO A 421 0.23 -15.12 5.70
C PRO A 421 -1.20 -14.94 5.23
N ALA A 422 -1.36 -14.27 4.09
CA ALA A 422 -2.70 -14.02 3.55
C ALA A 422 -3.40 -15.32 3.14
N GLU A 423 -2.64 -16.36 2.81
CA GLU A 423 -3.24 -17.60 2.32
C GLU A 423 -3.94 -18.40 3.41
N ILE A 424 -3.79 -18.03 4.68
CA ILE A 424 -4.44 -18.72 5.79
C ILE A 424 -5.68 -17.94 6.17
N PRO A 425 -6.88 -18.46 5.94
CA PRO A 425 -8.09 -17.76 6.40
C PRO A 425 -8.18 -17.73 7.91
N ARG A 426 -8.74 -16.63 8.44
CA ARG A 426 -8.84 -16.43 9.88
C ARG A 426 -10.22 -16.89 10.36
N ASN A 427 -10.41 -18.21 10.36
CA ASN A 427 -11.64 -18.82 10.83
C ASN A 427 -11.33 -19.84 11.92
N ALA A 428 -12.39 -20.34 12.55
CA ALA A 428 -12.22 -21.32 13.63
C ALA A 428 -11.57 -22.61 13.13
N GLU A 429 -11.77 -22.93 11.85
CA GLU A 429 -11.14 -24.13 11.29
C GLU A 429 -9.63 -24.00 11.25
N ASN A 430 -9.11 -22.78 11.13
CA ASN A 430 -7.68 -22.52 11.06
C ASN A 430 -7.16 -21.79 12.30
N TYR A 431 -7.84 -21.98 13.44
CA TYR A 431 -7.43 -21.31 14.67
C TYR A 431 -6.00 -21.67 15.04
N ASP A 432 -5.70 -22.98 15.07
CA ASP A 432 -4.35 -23.42 15.44
C ASP A 432 -3.32 -22.94 14.44
N ARG A 433 -3.69 -22.81 13.16
CA ARG A 433 -2.77 -22.28 12.18
C ARG A 433 -2.41 -20.83 12.49
N ILE A 434 -3.41 -20.01 12.83
CA ILE A 434 -3.16 -18.62 13.16
C ILE A 434 -2.37 -18.51 14.46
N PHE A 435 -2.71 -19.33 15.45
CA PHE A 435 -1.99 -19.28 16.73
C PHE A 435 -0.52 -19.67 16.55
N ASP A 436 -0.26 -20.70 15.73
CA ASP A 436 1.12 -21.10 15.47
C ASP A 436 1.89 -19.97 14.80
N CYS A 437 1.23 -19.21 13.93
CA CYS A 437 1.93 -18.16 13.19
C CYS A 437 2.23 -16.96 14.08
N ILE A 438 1.28 -16.57 14.92
CA ILE A 438 1.48 -15.40 15.78
C ILE A 438 2.59 -15.68 16.80
N THR A 439 2.49 -16.82 17.49
CA THR A 439 3.48 -17.13 18.52
C THR A 439 4.86 -17.36 17.93
N GLY A 440 4.93 -18.06 16.80
CA GLY A 440 6.23 -18.29 16.18
C GLY A 440 6.87 -17.01 15.67
N PHE A 441 6.07 -16.13 15.06
CA PHE A 441 6.59 -14.87 14.57
C PHE A 441 7.01 -13.96 15.71
N ALA A 442 6.22 -13.91 16.79
CA ALA A 442 6.57 -13.08 17.93
C ALA A 442 7.84 -13.55 18.62
N PHE A 443 8.04 -14.87 18.67
CA PHE A 443 9.26 -15.40 19.28
C PHE A 443 10.48 -15.06 18.44
N GLY A 444 10.41 -15.32 17.12
CA GLY A 444 11.55 -15.04 16.27
C GLY A 444 11.96 -13.58 16.29
N ASN A 445 10.99 -12.68 16.35
CA ASN A 445 11.30 -11.25 16.43
C ASN A 445 12.00 -10.92 17.74
N SER A 446 11.45 -11.41 18.87
CA SER A 446 11.97 -11.04 20.17
C SER A 446 13.25 -11.78 20.51
N ALA A 447 13.35 -13.07 20.14
CA ALA A 447 14.52 -13.86 20.51
C ALA A 447 15.75 -13.50 19.68
N PHE A 448 15.57 -12.90 18.51
CA PHE A 448 16.68 -12.59 17.62
C PHE A 448 16.89 -11.09 17.42
N ASP A 449 16.19 -10.24 18.17
CA ASP A 449 16.48 -8.82 18.14
C ASP A 449 17.71 -8.55 18.99
N ARG A 450 18.77 -8.06 18.36
CA ARG A 450 20.06 -7.85 19.02
C ARG A 450 20.17 -6.51 19.72
N HIS A 451 19.17 -5.65 19.59
CA HIS A 451 19.31 -4.29 20.09
C HIS A 451 19.00 -4.20 21.58
N PRO A 452 19.67 -3.31 22.30
CA PRO A 452 19.32 -3.07 23.71
C PRO A 452 18.04 -2.27 23.80
N LEU A 453 17.52 -2.19 25.03
CA LEU A 453 16.37 -1.35 25.29
C LEU A 453 16.79 0.11 25.36
N GLU A 454 16.05 0.98 24.68
CA GLU A 454 16.27 2.41 24.73
C GLU A 454 15.24 3.03 25.67
N LEU A 455 15.70 3.53 26.81
CA LEU A 455 14.80 4.15 27.76
C LEU A 455 14.44 5.53 27.30
N GLU A 456 13.33 6.07 27.80
CA GLU A 456 12.90 7.40 27.42
C GLU A 456 13.91 8.45 27.85
N GLU A 457 14.37 8.38 29.09
CA GLU A 457 15.51 9.17 29.51
C GLU A 457 16.77 8.72 28.76
N GLU A 458 17.77 9.59 28.71
CA GLU A 458 18.98 9.35 27.92
C GLU A 458 19.76 8.18 28.54
N ASP A 459 19.33 6.98 28.21
CA ASP A 459 19.99 5.79 28.72
C ASP A 459 19.65 4.56 27.90
N GLU A 460 20.55 3.59 27.90
CA GLU A 460 20.40 2.35 27.15
C GLU A 460 20.77 1.18 28.04
N ALA A 461 20.01 0.08 27.93
CA ALA A 461 20.19 -1.08 28.77
C ALA A 461 20.03 -2.36 27.95
N PRO A 462 20.91 -3.33 28.15
CA PRO A 462 20.77 -4.61 27.43
C PRO A 462 19.66 -5.46 28.03
N ILE A 463 19.09 -6.31 27.19
CA ILE A 463 17.92 -7.10 27.54
C ILE A 463 18.31 -8.58 27.56
N THR A 464 18.03 -9.24 28.69
CA THR A 464 18.13 -10.69 28.80
C THR A 464 16.72 -11.26 28.61
N LYS A 465 16.57 -12.14 27.62
CA LYS A 465 15.27 -12.66 27.22
C LYS A 465 15.11 -14.10 27.69
N TYR A 466 13.93 -14.42 28.20
CA TYR A 466 13.59 -15.75 28.67
C TYR A 466 12.31 -16.23 28.01
N ILE A 467 12.09 -17.54 28.06
CA ILE A 467 10.85 -18.15 27.62
C ILE A 467 10.43 -19.18 28.67
N PHE A 468 9.16 -19.19 29.02
CA PHE A 468 8.65 -20.03 30.10
C PHE A 468 8.00 -21.29 29.53
N ARG A 469 8.40 -22.44 30.04
CA ARG A 469 7.84 -23.72 29.63
C ARG A 469 6.83 -24.18 30.66
N HIS A 470 5.56 -24.01 30.36
CA HIS A 470 4.50 -24.35 31.30
C HIS A 470 4.49 -25.84 31.58
N GLY A 471 4.11 -26.19 32.81
CA GLY A 471 4.11 -27.59 33.21
C GLY A 471 3.14 -28.43 32.40
N ASP A 472 1.99 -27.87 32.05
CA ASP A 472 1.02 -28.54 31.18
C ASP A 472 1.44 -28.34 29.74
N GLU A 473 1.87 -29.43 29.09
CA GLU A 473 2.31 -29.35 27.71
C GLU A 473 1.17 -29.14 26.73
N GLY A 474 -0.09 -29.30 27.17
CA GLY A 474 -1.23 -29.01 26.34
C GLY A 474 -1.69 -27.58 26.36
N LEU A 475 -1.23 -26.80 27.33
CA LEU A 475 -1.63 -25.40 27.44
C LEU A 475 -1.04 -24.60 26.28
N ARG A 476 -1.90 -24.00 25.47
CA ARG A 476 -1.48 -23.22 24.30
C ARG A 476 -1.22 -21.79 24.77
N CYS A 477 0.03 -21.51 25.15
CA CYS A 477 0.39 -20.19 25.63
C CYS A 477 1.88 -19.96 25.43
N LEU A 478 2.23 -18.88 24.74
CA LEU A 478 3.61 -18.44 24.63
C LEU A 478 3.88 -17.40 25.71
N THR A 479 4.77 -17.73 26.63
CA THR A 479 5.15 -16.84 27.72
C THR A 479 6.62 -16.49 27.60
N MET A 480 6.92 -15.19 27.58
CA MET A 480 8.28 -14.71 27.47
C MET A 480 8.50 -13.59 28.49
N VAL A 481 9.75 -13.46 28.93
CA VAL A 481 10.14 -12.48 29.93
C VAL A 481 11.32 -11.69 29.40
N PHE A 482 11.22 -10.36 29.45
CA PHE A 482 12.27 -9.46 28.97
C PHE A 482 12.75 -8.63 30.14
N HIS A 483 14.00 -8.84 30.55
CA HIS A 483 14.59 -8.16 31.70
C HIS A 483 15.68 -7.22 31.20
N ALA A 484 15.38 -5.93 31.16
CA ALA A 484 16.39 -4.92 30.87
C ALA A 484 17.16 -4.61 32.14
N GLU A 485 18.48 -4.50 32.01
CA GLU A 485 19.33 -4.36 33.19
C GLU A 485 19.18 -2.97 33.78
N GLY A 486 18.88 -2.92 35.08
CA GLY A 486 18.62 -1.67 35.76
C GLY A 486 17.27 -1.04 35.45
N SER A 487 16.43 -1.71 34.65
CA SER A 487 15.12 -1.18 34.32
C SER A 487 14.05 -2.23 34.60
N ASP A 488 12.84 -2.03 34.09
CA ASP A 488 11.71 -2.86 34.46
C ASP A 488 11.75 -4.21 33.77
N ILE A 489 10.84 -5.09 34.18
CA ILE A 489 10.73 -6.45 33.66
C ILE A 489 9.34 -6.61 33.06
N VAL A 490 9.28 -7.15 31.85
CA VAL A 490 8.02 -7.32 31.13
C VAL A 490 7.77 -8.80 30.92
N ILE A 491 6.62 -9.28 31.37
CA ILE A 491 6.16 -10.64 31.10
C ILE A 491 5.14 -10.56 29.97
N LEU A 492 5.41 -11.26 28.87
CA LEU A 492 4.53 -11.26 27.71
C LEU A 492 3.82 -12.60 27.60
N HIS A 493 2.50 -12.55 27.45
CA HIS A 493 1.67 -13.74 27.27
C HIS A 493 0.92 -13.64 25.95
N ILE A 494 0.93 -14.71 25.17
CA ILE A 494 0.09 -14.85 23.99
C ILE A 494 -0.54 -16.24 24.08
N ARG A 495 -1.77 -16.31 24.59
CA ARG A 495 -2.42 -17.57 24.88
C ARG A 495 -3.68 -17.73 24.03
N ALA A 496 -4.14 -18.97 23.92
CA ALA A 496 -5.37 -19.28 23.21
C ALA A 496 -6.57 -18.89 24.04
N HIS A 497 -7.77 -19.12 23.49
CA HIS A 497 -8.98 -18.74 24.20
C HIS A 497 -9.25 -19.65 25.40
N ASP A 498 -8.81 -20.90 25.34
CA ASP A 498 -9.02 -21.86 26.41
C ASP A 498 -7.80 -22.05 27.30
N ALA A 499 -6.86 -21.11 27.27
CA ALA A 499 -5.58 -21.25 27.97
C ALA A 499 -5.46 -20.28 29.14
N GLN A 500 -6.58 -19.76 29.64
CA GLN A 500 -6.53 -18.82 30.76
C GLN A 500 -5.99 -19.51 32.01
N GLN A 501 -5.21 -18.76 32.79
CA GLN A 501 -4.54 -19.29 33.97
C GLN A 501 -4.71 -18.34 35.15
N GLN A 502 -4.51 -18.88 36.34
CA GLN A 502 -4.48 -18.10 37.57
C GLN A 502 -3.17 -18.40 38.28
N GLY A 503 -2.24 -17.45 38.25
CA GLY A 503 -0.95 -17.64 38.86
C GLY A 503 0.05 -16.63 38.33
N ALA A 504 1.28 -16.76 38.84
CA ALA A 504 2.36 -15.85 38.49
C ALA A 504 3.57 -16.64 38.03
N ILE A 505 4.36 -16.02 37.16
CA ILE A 505 5.61 -16.62 36.68
C ILE A 505 6.71 -16.33 37.69
N ASN A 506 7.40 -17.37 38.14
CA ASN A 506 8.47 -17.21 39.11
C ASN A 506 9.68 -16.57 38.43
N LEU A 507 10.07 -15.40 38.92
CA LEU A 507 11.20 -14.65 38.36
C LEU A 507 12.40 -14.65 39.31
N GLN A 508 12.54 -15.69 40.14
CA GLN A 508 13.64 -15.74 41.09
C GLN A 508 14.97 -15.94 40.39
N THR A 509 14.97 -16.58 39.21
CA THR A 509 16.21 -16.84 38.49
C THR A 509 16.84 -15.55 37.97
N LEU A 510 16.10 -14.45 37.92
CA LEU A 510 16.61 -13.21 37.37
C LEU A 510 17.46 -12.49 38.42
N ASN A 511 18.53 -11.85 37.95
CA ASN A 511 19.45 -11.09 38.82
C ASN A 511 19.05 -9.63 38.75
N VAL A 512 18.21 -9.20 39.68
CA VAL A 512 17.70 -7.84 39.73
C VAL A 512 18.54 -7.05 40.71
N ASN A 513 19.33 -6.10 40.20
CA ASN A 513 20.22 -5.29 41.02
C ASN A 513 19.67 -3.92 41.33
N GLY A 514 18.84 -3.36 40.45
CA GLY A 514 18.24 -2.07 40.74
C GLY A 514 17.19 -2.16 41.82
N ASN A 515 16.98 -1.04 42.51
CA ASN A 515 15.97 -0.96 43.56
C ASN A 515 14.62 -0.46 43.06
N ASP A 516 14.54 -0.03 41.80
CA ASP A 516 13.31 0.51 41.22
C ASP A 516 12.71 -0.42 40.18
N VAL A 517 13.21 -1.65 40.07
CA VAL A 517 12.78 -2.56 39.01
C VAL A 517 11.36 -3.02 39.27
N HIS A 518 10.48 -2.76 38.32
CA HIS A 518 9.09 -3.20 38.37
C HIS A 518 8.88 -4.42 37.48
N VAL A 519 7.79 -5.14 37.75
CA VAL A 519 7.40 -6.31 36.97
C VAL A 519 6.06 -5.98 36.30
N TRP A 520 6.03 -6.05 34.98
CA TRP A 520 4.84 -5.76 34.20
C TRP A 520 4.33 -7.02 33.52
N GLU A 521 3.04 -7.00 33.17
CA GLU A 521 2.39 -8.12 32.51
C GLU A 521 1.61 -7.61 31.31
N VAL A 522 1.94 -8.10 30.12
CA VAL A 522 1.23 -7.78 28.89
C VAL A 522 0.62 -9.09 28.39
N SER A 523 -0.69 -9.22 28.51
CA SER A 523 -1.39 -10.45 28.19
C SER A 523 -2.14 -10.29 26.87
N CYS A 524 -1.88 -11.19 25.92
CA CYS A 524 -2.58 -11.21 24.64
C CYS A 524 -3.37 -12.52 24.54
N THR A 525 -4.55 -12.43 23.94
CA THR A 525 -5.41 -13.58 23.76
C THR A 525 -5.98 -13.57 22.35
N LEU A 526 -5.89 -14.70 21.67
CA LEU A 526 -6.53 -14.89 20.37
C LEU A 526 -7.90 -15.49 20.63
N ASN A 527 -8.94 -14.67 20.49
CA ASN A 527 -10.29 -15.08 20.86
C ASN A 527 -10.88 -16.01 19.80
N ASN A 528 -12.08 -16.51 20.08
CA ASN A 528 -12.75 -17.45 19.17
C ASN A 528 -13.11 -16.82 17.84
N GLN A 529 -13.15 -15.49 17.76
CA GLN A 529 -13.36 -14.78 16.53
CA GLN A 529 -13.37 -14.78 16.51
C GLN A 529 -12.06 -14.43 15.82
N LEU A 530 -10.93 -14.94 16.34
CA LEU A 530 -9.61 -14.77 15.74
C LEU A 530 -9.19 -13.30 15.65
N GLU A 531 -9.62 -12.51 16.63
CA GLU A 531 -9.03 -11.20 16.90
C GLU A 531 -8.04 -11.34 18.05
N LEU A 532 -7.08 -10.42 18.09
CA LEU A 532 -6.01 -10.46 19.08
C LEU A 532 -6.26 -9.34 20.10
N ASP A 533 -6.77 -9.72 21.27
CA ASP A 533 -7.05 -8.77 22.33
C ASP A 533 -5.81 -8.63 23.21
N ILE A 534 -5.34 -7.40 23.39
CA ILE A 534 -4.20 -7.10 24.24
C ILE A 534 -4.72 -6.31 25.43
N ASP A 535 -4.78 -6.94 26.60
CA ASP A 535 -5.24 -6.26 27.79
C ASP A 535 -4.30 -5.13 28.16
N LEU A 536 -4.81 -4.17 28.93
CA LEU A 536 -3.98 -3.09 29.42
C LEU A 536 -2.82 -3.66 30.25
N PRO A 537 -1.61 -3.14 30.06
CA PRO A 537 -0.46 -3.64 30.83
C PRO A 537 -0.68 -3.42 32.32
N ASN A 538 -0.25 -4.39 33.12
CA ASN A 538 -0.47 -4.35 34.56
CA ASN A 538 -0.46 -4.36 34.56
C ASN A 538 0.87 -4.27 35.29
N ASP A 539 1.04 -3.21 36.08
CA ASP A 539 2.18 -3.05 36.96
C ASP A 539 1.99 -3.98 38.16
N LEU A 540 2.79 -5.04 38.22
CA LEU A 540 2.71 -6.02 39.29
C LEU A 540 3.58 -5.65 40.49
N GLY A 541 4.07 -4.42 40.55
CA GLY A 541 4.82 -3.95 41.70
C GLY A 541 6.31 -4.10 41.55
N LEU A 542 7.01 -3.83 42.65
CA LEU A 542 8.46 -3.96 42.68
C LEU A 542 8.85 -5.43 42.58
N TYR A 543 10.07 -5.66 42.07
CA TYR A 543 10.53 -7.04 41.85
C TYR A 543 10.53 -7.84 43.15
N HIS A 544 11.20 -7.33 44.18
CA HIS A 544 11.25 -8.05 45.45
C HIS A 544 9.89 -8.08 46.12
N ASP A 545 9.06 -7.06 45.91
CA ASP A 545 7.68 -7.11 46.38
C ASP A 545 6.88 -8.16 45.61
N TYR A 546 7.12 -8.26 44.30
CA TYR A 546 6.40 -9.24 43.48
C TYR A 546 6.83 -10.65 43.84
N GLN A 547 8.12 -10.85 44.16
CA GLN A 547 8.61 -12.18 44.52
C GLN A 547 8.20 -12.56 45.93
N ASN A 548 8.08 -11.61 46.84
CA ASN A 548 7.57 -11.89 48.18
C ASN A 548 6.16 -12.46 48.10
N ASN A 549 5.24 -11.68 47.52
CA ASN A 549 3.94 -12.22 47.18
C ASN A 549 4.09 -13.32 46.13
N ASN A 550 3.00 -14.04 45.90
CA ASN A 550 2.92 -15.12 44.92
CA ASN A 550 2.92 -15.12 44.92
C ASN A 550 3.83 -16.30 45.24
N ALA A 551 4.40 -16.36 46.44
CA ALA A 551 5.17 -17.55 46.80
C ALA A 551 4.30 -18.79 46.84
N ASN A 552 3.01 -18.61 47.12
CA ASN A 552 2.02 -19.68 47.05
C ASN A 552 1.15 -19.57 45.80
N ASN A 553 1.58 -18.77 44.80
CA ASN A 553 0.81 -18.59 43.58
C ASN A 553 1.70 -18.62 42.35
N PHE A 554 2.81 -19.35 42.40
CA PHE A 554 3.70 -19.48 41.25
C PHE A 554 3.24 -20.65 40.39
N LEU A 555 3.19 -20.41 39.07
CA LEU A 555 2.77 -21.45 38.16
C LEU A 555 3.84 -22.52 38.01
N ALA A 556 3.40 -23.73 37.66
CA ALA A 556 4.33 -24.84 37.44
C ALA A 556 5.01 -24.70 36.09
N GLY A 557 6.33 -24.81 36.07
CA GLY A 557 7.08 -24.73 34.84
C GLY A 557 8.49 -24.27 35.09
N ASP A 558 9.21 -24.02 33.99
CA ASP A 558 10.62 -23.67 34.03
C ASP A 558 10.88 -22.47 33.14
N LEU A 559 11.76 -21.58 33.59
CA LEU A 559 12.15 -20.39 32.85
C LEU A 559 13.51 -20.65 32.19
N VAL A 560 13.53 -20.62 30.85
CA VAL A 560 14.73 -20.91 30.07
C VAL A 560 15.23 -19.60 29.46
N GLN A 561 16.53 -19.36 29.56
CA GLN A 561 17.13 -18.14 29.03
C GLN A 561 17.43 -18.29 27.54
N VAL A 562 17.08 -17.27 26.78
CA VAL A 562 17.38 -17.28 25.33
C VAL A 562 18.87 -17.03 25.14
N PRO A 563 19.59 -17.90 24.43
CA PRO A 563 21.01 -17.66 24.18
C PRO A 563 21.23 -16.44 23.31
N ASN A 564 22.51 -16.05 23.21
CA ASN A 564 22.87 -14.91 22.38
CA ASN A 564 22.89 -14.92 22.37
C ASN A 564 22.74 -15.28 20.90
N THR A 565 22.25 -14.33 20.10
CA THR A 565 21.99 -14.56 18.69
C THR A 565 22.68 -13.52 17.80
N GLU A 566 23.70 -12.84 18.32
CA GLU A 566 24.35 -11.78 17.55
C GLU A 566 25.05 -12.32 16.31
N ASN A 567 25.55 -13.56 16.37
CA ASN A 567 26.26 -14.14 15.23
C ASN A 567 25.34 -14.42 14.05
N VAL A 568 24.04 -14.55 14.29
CA VAL A 568 23.11 -14.82 13.19
C VAL A 568 23.00 -13.61 12.27
N HIS A 569 23.01 -12.41 12.84
CA HIS A 569 22.90 -11.20 12.02
C HIS A 569 24.11 -11.03 11.12
N ASN A 570 25.31 -11.32 11.65
CA ASN A 570 26.53 -11.21 10.84
C ASN A 570 26.52 -12.23 9.72
N THR A 571 26.10 -13.47 10.01
CA THR A 571 26.04 -14.50 8.97
C THR A 571 24.97 -14.17 7.95
N LEU A 572 23.83 -13.62 8.39
CA LEU A 572 22.79 -13.22 7.45
C LEU A 572 23.27 -12.13 6.51
N ASN A 573 24.13 -11.22 6.99
CA ASN A 573 24.70 -10.20 6.14
C ASN A 573 25.52 -10.81 5.00
N GLN A 574 26.38 -11.77 5.34
CA GLN A 574 27.18 -12.44 4.32
C GLN A 574 26.32 -13.32 3.42
N VAL A 575 25.25 -13.90 3.96
CA VAL A 575 24.43 -14.83 3.19
C VAL A 575 23.65 -14.09 2.10
N VAL A 576 22.95 -13.02 2.47
CA VAL A 576 22.12 -12.33 1.49
C VAL A 576 22.93 -11.56 0.47
N ASN A 577 24.19 -11.23 0.78
CA ASN A 577 24.99 -10.42 -0.13
C ASN A 577 25.97 -11.26 -0.93
N ASP A 578 27.25 -11.24 -0.54
CA ASP A 578 28.29 -11.83 -1.38
C ASP A 578 28.19 -13.34 -1.48
N GLY A 579 27.62 -14.00 -0.46
CA GLY A 579 27.61 -15.45 -0.46
C GLY A 579 26.26 -16.09 -0.70
N TRP A 580 25.40 -15.45 -1.50
CA TRP A 580 24.04 -15.94 -1.65
C TRP A 580 23.95 -17.19 -2.51
N LYS A 581 24.97 -17.48 -3.32
CA LYS A 581 24.99 -18.70 -4.12
C LYS A 581 25.93 -19.75 -3.57
N ASN A 582 26.56 -19.50 -2.43
CA ASN A 582 27.48 -20.45 -1.81
C ASN A 582 26.71 -21.33 -0.82
N ILE A 583 26.69 -22.64 -1.09
CA ILE A 583 25.91 -23.55 -0.26
C ILE A 583 26.48 -23.62 1.16
N ALA A 584 27.81 -23.57 1.29
CA ALA A 584 28.42 -23.66 2.60
C ALA A 584 28.03 -22.49 3.49
N GLN A 585 27.76 -21.33 2.90
CA GLN A 585 27.37 -20.16 3.69
CA GLN A 585 27.37 -20.17 3.70
C GLN A 585 25.94 -20.32 4.23
N HIS A 586 25.04 -20.86 3.40
CA HIS A 586 23.68 -21.11 3.88
C HIS A 586 23.68 -22.20 4.94
N ARG A 587 24.50 -23.24 4.76
CA ARG A 587 24.57 -24.32 5.74
C ARG A 587 25.04 -23.79 7.10
N GLY A 588 26.00 -22.86 7.10
CA GLY A 588 26.44 -22.28 8.35
C GLY A 588 25.39 -21.43 9.02
N LEU A 589 24.55 -20.75 8.23
CA LEU A 589 23.49 -19.93 8.82
C LEU A 589 22.50 -20.76 9.61
N PHE A 590 22.09 -21.90 9.06
CA PHE A 590 21.14 -22.75 9.76
C PHE A 590 21.79 -23.60 10.84
N GLN A 591 23.11 -23.78 10.79
CA GLN A 591 23.83 -24.38 11.91
C GLN A 591 23.75 -23.49 13.13
N GLU A 592 23.84 -22.17 12.93
CA GLU A 592 23.78 -21.22 14.04
C GLU A 592 22.35 -21.05 14.55
N ILE A 593 21.37 -21.05 13.64
CA ILE A 593 19.98 -21.03 14.06
C ILE A 593 19.65 -22.29 14.85
N SER A 594 20.14 -23.45 14.39
CA SER A 594 19.96 -24.68 15.15
C SER A 594 20.63 -24.58 16.51
N GLY A 595 21.82 -23.97 16.58
CA GLY A 595 22.50 -23.82 17.85
C GLY A 595 21.77 -22.92 18.83
N ALA A 596 21.07 -21.90 18.32
CA ALA A 596 20.32 -21.02 19.21
C ALA A 596 19.00 -21.63 19.65
N LEU A 597 18.41 -22.50 18.84
CA LEU A 597 17.08 -23.04 19.13
C LEU A 597 17.13 -24.33 19.94
N MET A 598 18.15 -25.16 19.75
CA MET A 598 18.20 -26.45 20.45
C MET A 598 18.06 -26.37 21.97
N PRO A 599 18.66 -25.41 22.67
CA PRO A 599 18.40 -25.34 24.13
C PRO A 599 16.94 -25.21 24.49
N LEU A 600 16.15 -24.47 23.70
CA LEU A 600 14.76 -24.20 24.02
C LEU A 600 13.78 -24.83 23.04
N VAL A 601 14.21 -25.84 22.26
CA VAL A 601 13.37 -26.38 21.19
C VAL A 601 12.06 -26.91 21.74
N ASP A 602 12.11 -27.66 22.84
CA ASP A 602 10.91 -28.23 23.42
C ASP A 602 10.11 -27.21 24.23
N THR A 603 10.67 -26.02 24.47
CA THR A 603 9.95 -24.96 25.16
C THR A 603 9.17 -24.09 24.19
N ILE A 604 9.83 -23.60 23.13
CA ILE A 604 9.11 -22.86 22.09
C ILE A 604 8.13 -23.77 21.38
N ASN A 605 8.42 -25.08 21.34
CA ASN A 605 7.54 -26.09 20.77
C ASN A 605 7.28 -25.86 19.29
N VAL A 606 8.19 -26.32 18.44
CA VAL A 606 8.01 -26.28 17.00
C VAL A 606 7.05 -27.40 16.61
N ASN A 607 5.76 -27.14 16.76
CA ASN A 607 4.74 -28.18 16.66
C ASN A 607 4.15 -28.34 15.27
N SER A 608 4.44 -27.43 14.35
CA SER A 608 3.83 -27.48 13.02
C SER A 608 4.73 -26.77 12.03
N GLU A 609 4.43 -26.99 10.74
CA GLU A 609 5.14 -26.27 9.69
C GLU A 609 4.92 -24.77 9.80
N ASP A 610 3.73 -24.35 10.24
CA ASP A 610 3.46 -22.94 10.44
C ASP A 610 4.35 -22.36 11.54
N LYS A 611 4.52 -23.11 12.64
CA LYS A 611 5.37 -22.64 13.73
C LYS A 611 6.82 -22.49 13.26
N PHE A 612 7.34 -23.48 12.53
CA PHE A 612 8.70 -23.43 12.04
C PHE A 612 8.88 -22.27 11.06
N ARG A 613 7.93 -22.10 10.14
CA ARG A 613 8.03 -21.03 9.16
C ARG A 613 7.95 -19.66 9.82
N SER A 614 7.07 -19.50 10.81
CA SER A 614 6.89 -18.20 11.45
C SER A 614 8.10 -17.80 12.29
N ILE A 615 8.76 -18.78 12.94
CA ILE A 615 9.95 -18.47 13.72
C ILE A 615 11.04 -17.92 12.82
N LEU A 616 11.28 -18.58 11.68
CA LEU A 616 12.27 -18.08 10.73
C LEU A 616 11.85 -16.75 10.13
N HIS A 617 10.55 -16.53 9.96
CA HIS A 617 10.06 -15.25 9.46
C HIS A 617 10.40 -14.12 10.42
N GLY A 618 10.14 -14.32 11.71
CA GLY A 618 10.49 -13.30 12.69
C GLY A 618 11.98 -13.09 12.80
N THR A 619 12.76 -14.18 12.73
CA THR A 619 14.21 -14.07 12.78
C THR A 619 14.73 -13.23 11.63
N PHE A 620 14.30 -13.53 10.41
CA PHE A 620 14.79 -12.80 9.25
C PHE A 620 14.26 -11.37 9.21
N TYR A 621 13.07 -11.14 9.79
CA TYR A 621 12.54 -9.79 9.83
C TYR A 621 13.35 -8.90 10.77
N ALA A 622 13.70 -9.42 11.95
CA ALA A 622 14.40 -8.61 12.95
C ALA A 622 15.80 -8.24 12.49
N SER A 623 16.51 -9.17 11.85
CA SER A 623 17.86 -8.90 11.39
C SER A 623 17.83 -7.88 10.25
N ASP A 624 18.83 -7.00 10.22
CA ASP A 624 18.93 -6.00 9.17
C ASP A 624 18.91 -6.65 7.79
N ASN A 625 19.61 -7.78 7.65
CA ASN A 625 19.57 -8.57 6.45
C ASN A 625 18.82 -9.86 6.72
N PRO A 626 17.83 -10.23 5.88
CA PRO A 626 17.49 -9.56 4.62
C PRO A 626 16.66 -8.29 4.78
N TYR A 627 16.75 -7.41 3.78
CA TYR A 627 15.93 -6.20 3.77
C TYR A 627 14.44 -6.53 3.79
N LYS A 628 14.04 -7.58 3.06
CA LYS A 628 12.65 -7.97 2.98
C LYS A 628 12.55 -9.49 3.01
N VAL A 629 11.57 -9.99 3.76
CA VAL A 629 11.28 -11.42 3.83
C VAL A 629 9.77 -11.60 3.72
N LEU A 630 9.34 -12.47 2.82
CA LEU A 630 7.93 -12.73 2.59
C LEU A 630 7.63 -14.19 2.87
N ALA A 631 6.54 -14.43 3.60
CA ALA A 631 6.13 -15.79 3.97
C ALA A 631 5.00 -16.23 3.05
N MET A 632 5.11 -17.47 2.56
CA MET A 632 4.11 -18.06 1.67
C MET A 632 3.83 -17.14 0.48
N TYR A 633 4.92 -16.75 -0.20
CA TYR A 633 4.83 -15.81 -1.31
C TYR A 633 4.43 -16.54 -2.58
N LYS A 634 3.35 -16.08 -3.21
CA LYS A 634 2.91 -16.67 -4.46
C LYS A 634 3.83 -16.24 -5.59
N VAL A 635 4.52 -17.21 -6.19
CA VAL A 635 5.40 -16.89 -7.32
C VAL A 635 4.59 -16.75 -8.61
N GLY A 636 3.57 -17.58 -8.78
CA GLY A 636 2.78 -17.55 -10.00
C GLY A 636 1.85 -18.74 -10.05
N GLN A 637 1.36 -19.01 -11.26
CA GLN A 637 0.39 -20.07 -11.54
CA GLN A 637 0.52 -20.17 -11.45
C GLN A 637 0.76 -20.82 -12.81
N THR A 638 0.32 -22.08 -12.82
CA THR A 638 0.46 -23.00 -13.92
C THR A 638 -0.90 -23.36 -14.50
N TYR A 639 -0.97 -23.53 -15.81
CA TYR A 639 -2.24 -23.79 -16.49
C TYR A 639 -2.14 -25.08 -17.28
N SER A 640 -3.09 -25.98 -17.05
CA SER A 640 -3.15 -27.28 -17.70
C SER A 640 -4.43 -27.39 -18.49
N LEU A 641 -4.31 -27.73 -19.78
CA LEU A 641 -5.46 -27.86 -20.67
C LEU A 641 -5.98 -29.29 -20.65
N LYS A 642 -7.29 -29.43 -20.51
CA LYS A 642 -7.93 -30.74 -20.52
C LYS A 642 -9.06 -30.78 -21.54
N GLY A 649 -21.32 -30.61 -32.20
CA GLY A 649 -20.62 -29.38 -32.51
C GLY A 649 -20.29 -28.55 -31.29
N GLU A 650 -19.96 -29.23 -30.20
CA GLU A 650 -19.65 -28.59 -28.93
C GLU A 650 -18.14 -28.62 -28.68
N ARG A 651 -17.60 -27.49 -28.23
CA ARG A 651 -16.17 -27.37 -27.93
C ARG A 651 -16.02 -26.90 -26.49
N VAL A 652 -15.51 -27.78 -25.63
CA VAL A 652 -15.30 -27.47 -24.22
C VAL A 652 -13.80 -27.32 -23.99
N ILE A 653 -13.38 -26.13 -23.57
CA ILE A 653 -11.99 -25.86 -23.22
C ILE A 653 -11.93 -25.67 -21.71
N LEU A 654 -11.29 -26.61 -21.01
CA LEU A 654 -11.18 -26.59 -19.57
C LEU A 654 -9.73 -26.43 -19.18
N THR A 655 -9.45 -25.50 -18.26
CA THR A 655 -8.10 -25.21 -17.81
C THR A 655 -8.04 -25.31 -16.30
N ARG A 656 -7.14 -26.15 -15.80
CA ARG A 656 -6.89 -26.27 -14.36
C ARG A 656 -5.75 -25.36 -13.96
N ILE A 657 -5.93 -24.64 -12.85
CA ILE A 657 -4.97 -23.65 -12.39
C ILE A 657 -4.31 -24.15 -11.12
N THR A 658 -2.98 -24.23 -11.14
CA THR A 658 -2.18 -24.68 -10.00
C THR A 658 -1.24 -23.55 -9.59
N GLU A 659 -1.24 -23.22 -8.31
CA GLU A 659 -0.41 -22.13 -7.79
C GLU A 659 0.93 -22.66 -7.28
N GLN A 660 1.98 -21.88 -7.51
CA GLN A 660 3.31 -22.15 -6.99
CA GLN A 660 3.31 -22.15 -6.98
C GLN A 660 3.62 -21.11 -5.92
N ARG A 661 3.84 -21.58 -4.69
CA ARG A 661 4.10 -20.70 -3.55
C ARG A 661 5.45 -21.03 -2.95
N LEU A 662 6.12 -19.99 -2.45
CA LEU A 662 7.43 -20.12 -1.80
C LEU A 662 7.23 -19.91 -0.31
N ASP A 663 7.66 -20.88 0.49
CA ASP A 663 7.45 -20.82 1.94
C ASP A 663 8.11 -19.58 2.53
N LEU A 664 9.34 -19.27 2.10
CA LEU A 664 10.03 -18.06 2.51
C LEU A 664 10.79 -17.50 1.32
N LEU A 665 10.64 -16.19 1.10
CA LEU A 665 11.39 -15.50 0.05
C LEU A 665 12.14 -14.33 0.67
N LEU A 666 13.46 -14.30 0.45
CA LEU A 666 14.33 -13.27 1.00
C LEU A 666 14.83 -12.40 -0.14
N LEU A 667 14.78 -11.10 0.09
CA LEU A 667 15.19 -10.15 -0.93
C LEU A 667 16.01 -8.98 -0.45
N ARG A 668 17.00 -8.59 -1.23
CA ARG A 668 17.73 -7.37 -0.95
C ARG A 668 16.97 -6.16 -1.47
N GLN A 669 17.38 -4.98 -1.02
CA GLN A 669 16.84 -3.76 -1.62
C GLN A 669 17.67 -3.38 -2.84
N PRO A 670 17.05 -3.05 -3.96
CA PRO A 670 17.82 -2.65 -5.15
C PRO A 670 18.59 -1.36 -4.89
N ARG A 671 19.89 -1.41 -5.15
CA ARG A 671 20.76 -0.24 -5.07
C ARG A 671 20.98 0.33 -6.45
N GLU A 672 21.59 1.51 -6.51
CA GLU A 672 21.82 2.17 -7.79
C GLU A 672 22.76 1.36 -8.67
N ASN A 673 23.85 0.86 -8.11
CA ASN A 673 24.82 0.06 -8.85
C ASN A 673 24.68 -1.44 -8.54
N ASP A 674 23.57 -1.85 -7.94
CA ASP A 674 23.34 -3.26 -7.60
C ASP A 674 21.83 -3.51 -7.70
N LEU A 675 21.37 -3.79 -8.92
CA LEU A 675 19.96 -4.05 -9.16
C LEU A 675 19.56 -5.48 -8.82
N ASP A 676 20.52 -6.38 -8.62
CA ASP A 676 20.22 -7.77 -8.30
C ASP A 676 19.78 -7.86 -6.85
N THR A 677 18.53 -8.31 -6.63
CA THR A 677 17.99 -8.43 -5.29
C THR A 677 18.42 -9.72 -4.58
N HIS A 678 19.20 -10.56 -5.25
CA HIS A 678 19.65 -11.84 -4.69
C HIS A 678 18.49 -12.65 -4.10
N PRO A 679 17.51 -13.04 -4.90
CA PRO A 679 16.32 -13.72 -4.36
C PRO A 679 16.69 -15.09 -3.81
N ILE A 680 16.39 -15.29 -2.52
CA ILE A 680 16.65 -16.55 -1.83
C ILE A 680 15.31 -17.14 -1.41
N GLY A 681 15.08 -18.40 -1.77
CA GLY A 681 13.84 -19.08 -1.46
C GLY A 681 14.10 -20.33 -0.64
N TYR A 682 13.27 -20.55 0.38
CA TYR A 682 13.41 -21.71 1.27
C TYR A 682 12.11 -22.49 1.28
N VAL A 683 12.19 -23.79 1.01
CA VAL A 683 11.06 -24.70 1.14
C VAL A 683 11.19 -25.39 2.48
N LEU A 684 10.19 -25.19 3.35
CA LEU A 684 10.26 -25.63 4.74
C LEU A 684 9.30 -26.78 4.97
N ARG A 685 9.80 -27.83 5.62
CA ARG A 685 8.98 -28.97 6.05
C ARG A 685 9.36 -29.32 7.48
N LEU A 686 8.45 -30.00 8.16
CA LEU A 686 8.65 -30.45 9.53
C LEU A 686 8.52 -31.97 9.60
N ALA A 687 9.46 -32.60 10.30
CA ALA A 687 9.45 -34.04 10.50
C ALA A 687 9.34 -34.32 11.99
N ASN A 688 8.33 -35.09 12.38
CA ASN A 688 8.10 -35.37 13.80
C ASN A 688 8.97 -36.52 14.29
N ASN A 689 9.33 -37.46 13.42
CA ASN A 689 10.16 -38.60 13.80
C ASN A 689 11.10 -38.93 12.65
N ALA A 690 11.93 -39.95 12.85
CA ALA A 690 12.90 -40.34 11.84
C ALA A 690 12.24 -40.84 10.56
N GLU A 691 11.09 -41.53 10.69
CA GLU A 691 10.42 -42.07 9.52
C GLU A 691 9.92 -40.98 8.58
N GLU A 692 9.50 -39.84 9.14
CA GLU A 692 9.02 -38.73 8.32
C GLU A 692 10.14 -37.94 7.68
N VAL A 693 11.38 -38.07 8.19
CA VAL A 693 12.48 -37.24 7.71
C VAL A 693 12.72 -37.46 6.23
N GLY A 694 12.91 -38.73 5.83
CA GLY A 694 13.16 -39.01 4.42
C GLY A 694 12.00 -38.60 3.53
N GLN A 695 10.77 -38.76 4.03
CA GLN A 695 9.59 -38.37 3.25
C GLN A 695 9.39 -36.87 3.22
N GLN A 696 9.91 -36.14 4.21
CA GLN A 696 9.80 -34.69 4.20
C GLN A 696 10.87 -34.06 3.30
N GLN A 697 12.08 -34.62 3.30
CA GLN A 697 13.11 -34.16 2.37
C GLN A 697 12.69 -34.42 0.93
N ASN A 698 12.05 -35.56 0.67
CA ASN A 698 11.62 -35.87 -0.69
C ASN A 698 10.51 -34.93 -1.14
N ASP A 699 9.55 -34.64 -0.27
CA ASP A 699 8.49 -33.71 -0.63
C ASP A 699 9.02 -32.29 -0.81
N ALA A 700 9.96 -31.89 0.05
CA ALA A 700 10.54 -30.56 -0.09
C ALA A 700 11.36 -30.44 -1.36
N ARG A 701 12.12 -31.48 -1.70
CA ARG A 701 12.89 -31.47 -2.94
C ARG A 701 12.00 -31.54 -4.17
N GLN A 702 10.85 -32.21 -4.05
CA GLN A 702 9.90 -32.24 -5.16
C GLN A 702 9.23 -30.88 -5.34
N GLU A 703 8.95 -30.19 -4.24
CA GLU A 703 8.41 -28.84 -4.34
C GLU A 703 9.42 -27.89 -4.98
N ILE A 704 10.72 -28.12 -4.76
CA ILE A 704 11.75 -27.31 -5.40
C ILE A 704 11.67 -27.46 -6.92
N GLY A 705 11.53 -28.71 -7.40
CA GLY A 705 11.39 -28.93 -8.83
C GLY A 705 10.17 -28.27 -9.43
N ARG A 706 9.08 -28.20 -8.66
CA ARG A 706 7.90 -27.49 -9.13
C ARG A 706 8.17 -26.00 -9.26
N LEU A 707 8.95 -25.44 -8.34
CA LEU A 707 9.28 -24.02 -8.42
C LEU A 707 10.24 -23.72 -9.57
N LYS A 708 11.14 -24.66 -9.88
CA LYS A 708 12.07 -24.47 -10.99
C LYS A 708 11.37 -24.45 -12.34
N LYS A 709 10.11 -24.89 -12.41
CA LYS A 709 9.34 -24.78 -13.65
C LYS A 709 8.77 -23.39 -13.86
N GLN A 710 8.76 -22.54 -12.84
CA GLN A 710 8.25 -21.19 -12.94
CA GLN A 710 8.25 -21.19 -12.94
C GLN A 710 9.41 -20.23 -13.18
N HIS A 711 9.33 -19.49 -14.29
CA HIS A 711 10.33 -18.48 -14.63
C HIS A 711 9.75 -17.08 -14.67
N ARG A 712 8.57 -16.91 -15.26
CA ARG A 712 7.95 -15.59 -15.38
C ARG A 712 7.63 -14.97 -14.02
N GLY A 713 7.45 -15.79 -12.98
CA GLY A 713 7.20 -15.24 -11.66
C GLY A 713 8.42 -14.65 -11.00
N PHE A 714 9.60 -15.20 -11.28
CA PHE A 714 10.85 -14.71 -10.69
C PHE A 714 11.47 -13.57 -11.48
N ILE A 715 11.12 -13.41 -12.75
CA ILE A 715 11.76 -12.38 -13.58
C ILE A 715 11.52 -10.97 -13.04
N PRO A 716 10.30 -10.56 -12.67
CA PRO A 716 10.11 -9.16 -12.25
C PRO A 716 10.69 -8.82 -10.89
N ILE A 717 11.10 -9.82 -10.11
CA ILE A 717 11.57 -9.56 -8.76
C ILE A 717 13.07 -9.34 -8.64
N THR A 718 13.77 -9.54 -9.73
CA THR A 718 15.22 -9.35 -9.73
C THR A 718 15.67 -8.91 -11.11
N SER A 719 16.79 -8.20 -11.16
CA SER A 719 17.40 -7.82 -12.43
C SER A 719 18.36 -8.88 -12.95
N GLY A 720 18.80 -9.79 -12.10
CA GLY A 720 19.66 -10.89 -12.53
C GLY A 720 18.88 -12.00 -13.17
N ASN A 721 19.56 -13.14 -13.33
CA ASN A 721 18.97 -14.30 -13.98
C ASN A 721 19.17 -15.57 -13.15
N GLU A 722 19.22 -15.44 -11.83
CA GLU A 722 19.41 -16.57 -10.94
C GLU A 722 18.53 -16.41 -9.70
N VAL A 723 18.00 -17.54 -9.23
CA VAL A 723 17.27 -17.60 -7.96
C VAL A 723 17.80 -18.80 -7.18
N VAL A 724 18.09 -18.58 -5.90
CA VAL A 724 18.64 -19.62 -5.04
C VAL A 724 17.50 -20.27 -4.26
N LEU A 725 17.43 -21.60 -4.30
CA LEU A 725 16.38 -22.36 -3.64
C LEU A 725 17.02 -23.49 -2.85
N PHE A 726 16.57 -23.67 -1.60
CA PHE A 726 17.10 -24.70 -0.72
C PHE A 726 15.96 -25.39 0.01
N PRO A 727 15.94 -26.72 0.03
CA PRO A 727 14.96 -27.43 0.87
C PRO A 727 15.45 -27.54 2.30
N ILE A 728 14.55 -27.27 3.24
CA ILE A 728 14.87 -27.24 4.66
C ILE A 728 13.84 -28.08 5.41
N VAL A 729 14.31 -29.04 6.20
CA VAL A 729 13.45 -29.93 6.98
C VAL A 729 13.82 -29.76 8.45
N PHE A 730 12.83 -29.38 9.27
CA PHE A 730 13.04 -29.30 10.71
C PHE A 730 12.90 -30.70 11.31
N ASN A 731 13.93 -31.14 12.00
CA ASN A 731 13.96 -32.47 12.63
C ASN A 731 13.56 -32.31 14.09
N ARG A 732 12.27 -32.47 14.36
CA ARG A 732 11.74 -32.24 15.70
C ARG A 732 12.34 -33.20 16.73
N ASP A 733 12.70 -34.42 16.29
CA ASP A 733 13.21 -35.44 17.20
C ASP A 733 14.73 -35.53 17.20
N ALA A 734 15.41 -34.48 16.73
CA ALA A 734 16.87 -34.48 16.78
C ALA A 734 17.35 -34.41 18.23
N HIS A 735 18.48 -35.07 18.49
CA HIS A 735 19.04 -35.11 19.83
C HIS A 735 20.21 -34.15 20.02
N GLU A 736 20.83 -33.69 18.94
CA GLU A 736 21.88 -32.69 19.00
C GLU A 736 21.54 -31.56 18.03
N ALA A 737 22.14 -30.40 18.29
CA ALA A 737 21.85 -29.23 17.47
C ALA A 737 22.29 -29.42 16.03
N GLY A 738 23.30 -30.28 15.80
CA GLY A 738 23.80 -30.49 14.45
C GLY A 738 22.82 -31.12 13.50
N ASN A 739 21.75 -31.73 14.02
CA ASN A 739 20.74 -32.38 13.19
C ASN A 739 19.34 -31.79 13.41
N LEU A 740 19.23 -30.65 14.10
CA LEU A 740 17.92 -30.06 14.34
C LEU A 740 17.28 -29.57 13.05
N ILE A 741 18.01 -28.77 12.29
CA ILE A 741 17.54 -28.26 10.99
C ILE A 741 18.37 -28.94 9.91
N LEU A 742 17.70 -29.75 9.09
CA LEU A 742 18.38 -30.56 8.08
C LEU A 742 18.59 -29.75 6.81
N PHE A 743 19.86 -29.55 6.43
CA PHE A 743 20.29 -28.84 5.25
C PHE A 743 20.91 -29.80 4.24
N PRO A 744 20.66 -29.61 2.95
CA PRO A 744 21.24 -30.53 1.95
C PRO A 744 22.76 -30.53 2.02
N GLU A 745 23.32 -31.75 2.06
CA GLU A 745 24.76 -31.94 2.17
C GLU A 745 25.42 -31.95 0.80
N GLY A 746 26.73 -31.75 0.79
CA GLY A 746 27.51 -31.75 -0.43
C GLY A 746 27.41 -30.44 -1.20
N GLU A 750 25.39 -28.45 -7.12
CA GLU A 750 24.40 -27.80 -7.96
C GLU A 750 22.99 -27.93 -7.36
N GLU A 751 21.99 -27.82 -8.21
CA GLU A 751 20.57 -28.00 -7.91
C GLU A 751 19.99 -26.91 -7.03
N HIS A 752 20.77 -25.90 -6.63
CA HIS A 752 20.25 -24.82 -5.80
C HIS A 752 20.26 -23.46 -6.48
N VAL A 753 20.78 -23.37 -7.70
CA VAL A 753 20.74 -22.13 -8.48
C VAL A 753 19.79 -22.35 -9.65
N HIS A 754 18.63 -21.68 -9.60
CA HIS A 754 17.63 -21.78 -10.66
C HIS A 754 17.91 -20.70 -11.70
N ARG A 755 18.40 -21.12 -12.86
CA ARG A 755 18.74 -20.17 -13.92
C ARG A 755 17.47 -19.69 -14.60
N LEU A 756 17.23 -18.38 -14.54
CA LEU A 756 16.03 -17.80 -15.13
C LEU A 756 16.21 -17.68 -16.64
N ASP A 757 15.31 -18.32 -17.39
CA ASP A 757 15.31 -18.22 -18.84
C ASP A 757 14.38 -17.07 -19.23
N ARG A 758 14.97 -15.92 -19.54
CA ARG A 758 14.21 -14.78 -20.01
C ARG A 758 13.93 -14.84 -21.51
N HIS A 759 14.43 -15.86 -22.21
CA HIS A 759 14.10 -16.08 -23.60
C HIS A 759 12.62 -16.40 -23.75
N GLU B 4 2.14 8.39 10.24
CA GLU B 4 2.72 8.28 11.57
C GLU B 4 1.78 7.54 12.51
N THR B 5 1.73 7.97 13.77
CA THR B 5 0.78 7.45 14.74
C THR B 5 -0.22 8.53 15.11
N LYS B 6 -1.30 8.11 15.77
CA LYS B 6 -2.30 9.07 16.23
C LYS B 6 -1.70 10.05 17.22
N LYS B 7 -0.83 9.56 18.12
CA LYS B 7 -0.16 10.45 19.05
C LYS B 7 0.69 11.49 18.33
N GLN B 8 1.25 11.13 17.18
CA GLN B 8 2.09 12.07 16.44
C GLN B 8 1.28 13.25 15.91
N ALA B 9 0.04 13.00 15.48
CA ALA B 9 -0.81 14.10 15.06
C ALA B 9 -1.17 15.02 16.22
N GLU B 10 -1.29 14.46 17.43
CA GLU B 10 -1.66 15.28 18.58
C GLU B 10 -0.52 16.20 19.01
N VAL B 11 0.70 15.66 19.08
CA VAL B 11 1.85 16.49 19.46
C VAL B 11 2.15 17.52 18.38
N LEU B 12 1.86 17.20 17.12
CA LEU B 12 2.02 18.18 16.05
C LEU B 12 1.06 19.35 16.24
N LYS B 13 -0.21 19.06 16.51
CA LYS B 13 -1.19 20.12 16.73
C LYS B 13 -0.84 20.95 17.96
N LYS B 14 -0.34 20.31 19.02
CA LYS B 14 0.03 21.04 20.22
C LYS B 14 1.17 22.02 19.94
N LEU B 15 2.18 21.59 19.19
CA LEU B 15 3.29 22.47 18.87
C LEU B 15 2.87 23.57 17.91
N GLN B 16 1.94 23.27 16.99
CA GLN B 16 1.48 24.29 16.05
C GLN B 16 0.64 25.36 16.73
N ASP B 17 -0.12 24.98 17.76
CA ASP B 17 -0.95 25.95 18.48
C ASP B 17 -0.12 27.03 19.17
N VAL B 18 1.14 26.73 19.48
CA VAL B 18 1.98 27.69 20.18
C VAL B 18 2.37 28.85 19.27
N ILE B 19 2.42 28.61 17.96
CA ILE B 19 2.84 29.63 17.01
C ILE B 19 1.80 30.74 16.96
N LYS B 20 2.20 31.95 17.37
CA LYS B 20 1.36 33.13 17.25
C LYS B 20 2.15 34.23 16.55
N HIS B 21 1.44 35.02 15.75
CA HIS B 21 2.02 36.15 15.05
C HIS B 21 0.89 37.02 14.52
N THR B 22 1.13 38.34 14.51
CA THR B 22 0.12 39.26 13.99
C THR B 22 -0.14 39.02 12.51
N ASP B 23 0.93 38.98 11.71
CA ASP B 23 0.81 38.65 10.29
C ASP B 23 0.39 37.19 10.15
N ARG B 24 -0.82 36.96 9.65
CA ARG B 24 -1.32 35.59 9.54
C ARG B 24 -0.59 34.82 8.44
N ASP B 25 -0.08 35.51 7.42
CA ASP B 25 0.76 34.84 6.42
C ASP B 25 2.04 34.33 7.06
N ILE B 26 2.62 35.10 7.98
CA ILE B 26 3.83 34.65 8.67
C ILE B 26 3.50 33.51 9.62
N ALA B 27 2.37 33.61 10.33
CA ALA B 27 1.99 32.56 11.27
C ALA B 27 1.70 31.25 10.54
N ALA B 28 1.03 31.33 9.38
CA ALA B 28 0.73 30.11 8.64
C ALA B 28 1.98 29.47 8.09
N GLY B 29 2.97 30.28 7.68
CA GLY B 29 4.22 29.72 7.20
C GLY B 29 5.03 29.07 8.31
N ARG B 30 5.02 29.67 9.50
CA ARG B 30 5.76 29.11 10.62
C ARG B 30 5.15 27.80 11.10
N LYS B 31 3.82 27.66 11.00
CA LYS B 31 3.18 26.40 11.37
C LYS B 31 3.60 25.26 10.45
N LEU B 32 3.81 25.56 9.16
CA LEU B 32 4.30 24.53 8.25
C LEU B 32 5.75 24.17 8.54
N ALA B 33 6.55 25.14 9.03
CA ALA B 33 7.92 24.83 9.44
C ALA B 33 7.93 23.90 10.65
N ILE B 34 7.00 24.12 11.58
CA ILE B 34 6.88 23.22 12.73
C ILE B 34 6.51 21.81 12.25
N LYS B 35 5.63 21.73 11.26
CA LYS B 35 5.25 20.43 10.70
C LYS B 35 6.46 19.70 10.14
N ARG B 36 7.32 20.42 9.39
CA ARG B 36 8.53 19.80 8.85
C ARG B 36 9.49 19.41 9.96
N TRP B 37 9.57 20.22 11.02
CA TRP B 37 10.41 19.86 12.16
C TRP B 37 9.91 18.61 12.85
N VAL B 38 8.58 18.51 13.03
CA VAL B 38 8.01 17.33 13.69
C VAL B 38 8.25 16.08 12.85
N GLU B 39 8.01 16.16 11.54
CA GLU B 39 8.23 15.03 10.66
C GLU B 39 9.67 14.53 10.71
N THR B 40 10.61 15.40 11.09
CA THR B 40 12.01 14.98 11.23
C THR B 40 12.27 14.36 12.59
N TYR B 41 11.80 15.00 13.66
CA TYR B 41 12.15 14.64 15.02
C TYR B 41 11.01 14.00 15.79
N ILE B 42 10.05 13.38 15.09
CA ILE B 42 8.91 12.77 15.77
C ILE B 42 9.35 11.60 16.64
N GLU B 43 10.42 10.89 16.23
CA GLU B 43 10.90 9.75 17.00
C GLU B 43 11.44 10.18 18.37
N TYR B 44 11.79 11.44 18.54
CA TYR B 44 12.32 11.94 19.80
C TYR B 44 11.26 12.55 20.70
N ILE B 45 10.07 12.85 20.19
CA ILE B 45 9.09 13.62 20.93
C ILE B 45 7.73 12.92 20.96
N LYS B 46 7.67 11.68 20.44
CA LYS B 46 6.39 11.03 20.25
C LYS B 46 5.66 10.77 21.56
N TYR B 47 6.39 10.55 22.65
CA TYR B 47 5.80 10.20 23.93
C TYR B 47 5.87 11.32 24.95
N PHE B 48 6.19 12.54 24.51
CA PHE B 48 6.30 13.66 25.44
C PHE B 48 4.93 14.12 25.90
N LYS B 49 4.72 14.16 27.21
CA LYS B 49 3.52 14.75 27.78
C LYS B 49 3.67 16.27 27.81
N ASP B 50 2.67 16.95 28.37
CA ASP B 50 2.69 18.40 28.38
C ASP B 50 3.79 18.96 29.27
N ASP B 51 4.17 18.22 30.32
CA ASP B 51 5.24 18.69 31.19
C ASP B 51 6.58 18.71 30.47
N LYS B 52 6.82 17.71 29.62
CA LYS B 52 8.05 17.70 28.82
C LYS B 52 7.91 18.57 27.57
N LEU B 53 6.70 18.71 27.04
CA LEU B 53 6.50 19.51 25.85
C LEU B 53 6.66 21.01 26.09
N GLU B 54 6.56 21.45 27.35
CA GLU B 54 6.67 22.87 27.65
C GLU B 54 8.05 23.42 27.26
N PHE B 55 9.08 22.59 27.34
CA PHE B 55 10.42 23.03 26.91
C PHE B 55 10.41 23.44 25.44
N LEU B 56 9.75 22.63 24.59
CA LEU B 56 9.68 22.97 23.17
C LEU B 56 8.76 24.16 22.93
N TYR B 57 7.71 24.31 23.75
CA TYR B 57 6.83 25.47 23.61
C TYR B 57 7.62 26.77 23.77
N ASN B 58 8.46 26.85 24.80
CA ASN B 58 9.23 28.07 25.05
C ASN B 58 10.31 28.26 23.99
N VAL B 59 10.86 27.17 23.43
CA VAL B 59 11.87 27.30 22.39
C VAL B 59 11.27 27.92 21.14
N PHE B 60 10.12 27.41 20.70
CA PHE B 60 9.48 27.91 19.48
C PHE B 60 8.78 29.25 19.70
N ARG B 61 8.49 29.61 20.96
CA ARG B 61 7.99 30.94 21.24
C ARG B 61 9.08 32.00 21.13
N ASP B 62 10.34 31.59 21.22
CA ASP B 62 11.45 32.53 21.10
C ASP B 62 11.55 33.03 19.66
N GLU B 63 11.37 34.34 19.48
CA GLU B 63 11.48 34.93 18.15
C GLU B 63 12.88 34.74 17.57
N GLY B 64 13.89 34.62 18.43
CA GLY B 64 15.25 34.41 17.97
C GLY B 64 15.46 33.09 17.24
N CYS B 65 14.53 32.15 17.40
CA CYS B 65 14.59 30.88 16.69
C CYS B 65 14.06 30.96 15.27
N TRP B 66 13.61 32.13 14.82
CA TRP B 66 12.92 32.26 13.55
C TRP B 66 13.63 33.28 12.66
N LEU B 67 13.49 33.05 11.35
CA LEU B 67 13.98 33.97 10.31
C LEU B 67 12.88 34.02 9.25
N GLY B 68 11.96 34.98 9.41
CA GLY B 68 10.79 35.02 8.56
C GLY B 68 9.83 33.89 8.88
N THR B 69 9.59 33.01 7.90
CA THR B 69 8.74 31.84 8.11
C THR B 69 9.55 30.56 8.26
N ARG B 70 10.88 30.66 8.38
CA ARG B 70 11.76 29.50 8.47
C ARG B 70 12.49 29.51 9.80
N LEU B 71 12.80 28.31 10.30
CA LEU B 71 13.51 28.18 11.56
C LEU B 71 14.99 28.51 11.38
N ASN B 72 15.55 29.18 12.39
CA ASN B 72 16.98 29.47 12.43
C ASN B 72 17.68 28.27 13.05
N ASN B 73 18.28 27.43 12.20
CA ASN B 73 18.92 26.21 12.68
C ASN B 73 20.12 26.50 13.58
N THR B 74 20.76 27.66 13.45
CA THR B 74 21.88 27.99 14.32
C THR B 74 21.39 28.29 15.74
N VAL B 75 20.33 29.08 15.87
CA VAL B 75 19.78 29.36 17.19
C VAL B 75 19.04 28.14 17.71
N LEU B 76 18.28 27.46 16.86
CA LEU B 76 17.51 26.30 17.29
C LEU B 76 18.41 25.19 17.80
N GLY B 77 19.47 24.87 17.04
CA GLY B 77 20.39 23.83 17.47
C GLY B 77 21.08 24.15 18.77
N GLN B 78 21.25 25.45 19.07
CA GLN B 78 21.83 25.84 20.36
C GLN B 78 20.86 25.55 21.50
N LYS B 79 19.62 26.04 21.38
CA LYS B 79 18.64 25.85 22.46
C LYS B 79 18.33 24.37 22.67
N LEU B 80 18.28 23.59 21.59
CA LEU B 80 17.92 22.18 21.69
C LEU B 80 19.04 21.33 22.29
N THR B 81 20.25 21.87 22.40
CA THR B 81 21.34 21.15 23.04
C THR B 81 21.64 21.66 24.45
N GLU B 82 20.91 22.66 24.92
CA GLU B 82 21.05 23.11 26.29
C GLU B 82 20.49 22.08 27.25
N GLU B 83 21.17 21.89 28.38
CA GLU B 83 20.68 20.96 29.38
C GLU B 83 19.41 21.47 30.04
N LYS B 84 19.28 22.79 30.15
CA LYS B 84 18.14 23.39 30.83
C LYS B 84 18.01 24.84 30.44
N ILE B 85 16.79 25.30 30.21
CA ILE B 85 16.53 26.70 29.86
C ILE B 85 15.47 27.22 30.84
N GLY B 86 15.89 28.14 31.71
CA GLY B 86 14.97 28.87 32.57
C GLY B 86 14.03 28.06 33.41
N GLU B 87 14.58 27.10 34.18
CA GLU B 87 13.91 26.25 35.17
C GLU B 87 13.22 25.03 34.57
N ILE B 88 13.29 24.82 33.25
CA ILE B 88 12.70 23.65 32.62
C ILE B 88 13.85 22.83 32.02
N ASP B 89 13.95 21.56 32.43
CA ASP B 89 14.99 20.70 31.93
C ASP B 89 14.69 20.27 30.50
N ASN B 90 15.73 20.13 29.70
CA ASN B 90 15.58 19.67 28.32
C ASN B 90 15.22 18.19 28.33
N PRO B 91 14.04 17.80 27.84
CA PRO B 91 13.66 16.38 27.85
C PRO B 91 14.20 15.59 26.67
N LEU B 92 14.81 16.25 25.69
CA LEU B 92 15.27 15.56 24.50
C LEU B 92 16.56 14.79 24.76
N ARG B 93 16.74 13.70 24.01
CA ARG B 93 18.02 13.01 23.97
C ARG B 93 19.04 13.92 23.27
N ARG B 94 19.93 14.53 24.05
CA ARG B 94 20.73 15.63 23.54
C ARG B 94 21.81 15.19 22.57
N TYR B 95 22.25 13.92 22.61
CA TYR B 95 23.21 13.46 21.63
C TYR B 95 22.62 13.54 20.22
N GLY B 96 21.37 13.09 20.06
CA GLY B 96 20.73 13.14 18.76
C GLY B 96 20.53 14.55 18.26
N MET B 97 20.26 15.49 19.16
CA MET B 97 20.10 16.88 18.76
C MET B 97 21.43 17.49 18.32
N ALA B 98 22.48 17.26 19.11
CA ALA B 98 23.79 17.79 18.75
C ALA B 98 24.33 17.16 17.48
N SER B 99 23.97 15.92 17.20
CA SER B 99 24.42 15.26 15.98
C SER B 99 23.79 15.90 14.75
N ARG B 100 22.45 15.96 14.72
CA ARG B 100 21.77 16.45 13.52
C ARG B 100 21.97 17.94 13.31
N TYR B 101 22.15 18.71 14.39
CA TYR B 101 22.40 20.14 14.27
C TYR B 101 23.89 20.46 14.22
N CYS B 102 24.76 19.45 14.21
CA CYS B 102 26.20 19.62 14.04
C CYS B 102 26.79 20.55 15.11
N ILE B 103 26.35 20.35 16.36
CA ILE B 103 26.97 21.04 17.49
C ILE B 103 28.22 20.26 17.86
N THR B 104 29.31 20.52 17.13
CA THR B 104 30.51 19.70 17.23
C THR B 104 31.20 19.82 18.59
N GLY B 105 30.93 20.88 19.34
CA GLY B 105 31.52 21.01 20.66
C GLY B 105 30.92 20.10 21.71
N LYS B 106 29.75 19.52 21.43
CA LYS B 106 29.04 18.71 22.40
C LYS B 106 28.78 17.27 21.98
N ILE B 107 28.98 16.93 20.70
CA ILE B 107 28.62 15.60 20.21
C ILE B 107 29.38 14.52 20.96
N HIS B 108 30.70 14.65 21.04
CA HIS B 108 31.50 13.62 21.71
C HIS B 108 31.24 13.54 23.20
N PRO B 109 31.19 14.64 23.96
CA PRO B 109 30.87 14.51 25.40
C PRO B 109 29.52 13.86 25.67
N LEU B 110 28.48 14.23 24.93
CA LEU B 110 27.17 13.64 25.15
C LEU B 110 27.18 12.14 24.83
N PHE B 111 27.87 11.74 23.77
CA PHE B 111 27.94 10.33 23.42
C PHE B 111 28.76 9.55 24.45
N GLN B 112 29.82 10.17 24.98
CA GLN B 112 30.63 9.50 26.00
C GLN B 112 29.81 9.20 27.25
N LYS B 113 28.85 10.06 27.58
CA LYS B 113 27.97 9.79 28.71
C LYS B 113 27.12 8.56 28.46
N ARG B 114 26.48 8.49 27.28
CA ARG B 114 25.65 7.34 26.96
C ARG B 114 26.48 6.07 26.84
N PHE B 115 27.69 6.18 26.30
CA PHE B 115 28.56 5.00 26.15
C PHE B 115 28.95 4.43 27.50
N GLU B 116 29.24 5.29 28.48
CA GLU B 116 29.73 4.82 29.77
C GLU B 116 28.61 4.22 30.62
N SER B 117 27.43 4.85 30.63
CA SER B 117 26.31 4.30 31.38
C SER B 117 25.80 3.00 30.78
N TYR B 118 25.90 2.86 29.45
CA TYR B 118 25.52 1.62 28.79
C TYR B 118 26.57 0.53 29.02
N ARG B 119 27.86 0.89 28.96
CA ARG B 119 28.92 -0.05 29.26
C ARG B 119 28.85 -0.56 30.69
N ASN B 120 28.34 0.26 31.61
CA ASN B 120 28.28 -0.10 33.02
C ASN B 120 27.18 -1.11 33.33
N LYS B 121 26.26 -1.35 32.41
CA LYS B 121 25.16 -2.29 32.65
C LYS B 121 25.47 -3.71 32.21
N PHE B 122 26.63 -3.93 31.58
CA PHE B 122 27.04 -5.30 31.28
C PHE B 122 27.79 -5.90 32.47
N PRO B 123 27.57 -7.18 32.75
CA PRO B 123 28.37 -7.83 33.79
C PRO B 123 29.83 -7.83 33.42
N PRO B 124 30.73 -7.74 34.40
CA PRO B 124 32.17 -7.80 34.08
C PRO B 124 32.59 -9.14 33.51
N GLY B 125 31.90 -10.22 33.83
CA GLY B 125 32.24 -11.53 33.31
C GLY B 125 31.32 -11.99 32.20
N ALA B 126 30.67 -11.03 31.54
CA ALA B 126 29.70 -11.37 30.50
C ALA B 126 30.36 -12.12 29.35
N PHE B 127 31.34 -11.52 28.72
CA PHE B 127 32.05 -12.10 27.58
C PHE B 127 33.49 -12.38 28.02
N ASP B 128 33.77 -13.62 28.39
CA ASP B 128 35.10 -13.99 28.87
C ASP B 128 36.01 -14.52 27.77
N GLY B 129 35.68 -14.23 26.51
CA GLY B 129 36.59 -14.52 25.42
C GLY B 129 37.19 -13.24 24.86
N LYS B 130 36.45 -12.15 25.01
CA LYS B 130 36.86 -10.86 24.47
C LYS B 130 37.76 -10.12 25.45
N THR B 131 38.63 -9.28 24.91
CA THR B 131 39.42 -8.35 25.71
C THR B 131 38.60 -7.10 26.00
N GLU B 132 39.12 -6.23 26.85
CA GLU B 132 38.43 -4.99 27.11
C GLU B 132 38.44 -4.13 25.87
N THR B 133 39.51 -4.18 25.08
CA THR B 133 39.52 -3.47 23.81
C THR B 133 38.37 -3.94 22.92
N GLU B 134 38.19 -5.25 22.81
CA GLU B 134 37.09 -5.78 22.02
C GLU B 134 35.75 -5.59 22.71
N PHE B 135 35.73 -5.59 24.05
CA PHE B 135 34.49 -5.41 24.79
C PHE B 135 33.95 -3.99 24.61
N GLY B 136 34.82 -2.99 24.75
CA GLY B 136 34.37 -1.62 24.61
C GLY B 136 33.94 -1.28 23.20
N LYS B 137 34.63 -1.85 22.20
CA LYS B 137 34.25 -1.61 20.81
C LYS B 137 32.92 -2.28 20.50
N TYR B 138 32.66 -3.44 21.07
CA TYR B 138 31.37 -4.10 20.89
C TYR B 138 30.25 -3.28 21.53
N VAL B 139 30.52 -2.68 22.69
CA VAL B 139 29.52 -1.85 23.35
C VAL B 139 29.24 -0.59 22.53
N ARG B 140 30.30 0.02 21.97
CA ARG B 140 30.11 1.21 21.15
C ARG B 140 29.34 0.89 19.87
N ASN B 141 29.64 -0.24 19.25
CA ASN B 141 28.94 -0.62 18.03
C ASN B 141 27.48 -0.96 18.32
N SER B 142 27.22 -1.64 19.44
CA SER B 142 25.84 -1.95 19.80
C SER B 142 25.05 -0.68 20.10
N LEU B 143 25.68 0.29 20.76
CA LEU B 143 25.00 1.54 21.08
C LEU B 143 24.74 2.36 19.82
N LEU B 144 25.74 2.47 18.95
CA LEU B 144 25.58 3.23 17.71
C LEU B 144 24.56 2.58 16.79
N ASP B 145 24.56 1.23 16.74
CA ASP B 145 23.56 0.54 15.95
C ASP B 145 22.16 0.73 16.52
N SER B 146 22.05 0.92 17.83
CA SER B 146 20.73 1.11 18.46
C SER B 146 20.17 2.48 18.11
N ILE B 147 20.99 3.53 18.23
CA ILE B 147 20.54 4.88 17.88
C ILE B 147 20.28 5.00 16.38
N LYS B 148 20.97 4.20 15.58
CA LYS B 148 20.82 4.25 14.13
C LYS B 148 19.40 3.93 13.67
N ARG B 149 18.61 3.26 14.51
CA ARG B 149 17.24 2.91 14.13
C ARG B 149 16.39 4.15 13.86
N LYS B 150 16.70 5.26 14.53
CA LYS B 150 15.96 6.50 14.32
C LYS B 150 16.38 7.24 13.05
N GLY B 151 17.43 6.80 12.38
CA GLY B 151 17.90 7.45 11.18
C GLY B 151 19.35 7.12 10.87
N PRO B 152 19.68 7.08 9.58
CA PRO B 152 21.07 6.74 9.20
C PRO B 152 22.08 7.83 9.50
N VAL B 153 21.65 9.02 9.91
CA VAL B 153 22.57 10.13 10.15
C VAL B 153 23.12 10.17 11.57
N PHE B 154 22.67 9.27 12.44
CA PHE B 154 22.98 9.37 13.87
C PHE B 154 24.25 8.63 14.27
N ASP B 155 24.98 8.05 13.32
CA ASP B 155 26.33 7.57 13.56
C ASP B 155 27.35 8.34 12.73
N PHE B 156 26.95 9.52 12.24
CA PHE B 156 27.76 10.28 11.29
C PHE B 156 29.00 10.88 11.94
N TRP B 157 28.94 11.18 13.24
CA TRP B 157 29.97 11.96 13.90
C TRP B 157 30.90 11.15 14.79
N ILE B 158 30.57 9.91 15.10
CA ILE B 158 31.36 9.08 16.01
C ILE B 158 32.11 8.03 15.19
N ASP B 159 33.43 8.09 15.23
CA ASP B 159 34.25 7.05 14.61
C ASP B 159 34.12 5.75 15.40
N ARG B 160 33.84 4.65 14.70
CA ARG B 160 33.58 3.39 15.39
C ARG B 160 34.84 2.69 15.86
N GLU B 161 35.99 2.99 15.26
CA GLU B 161 37.24 2.36 15.70
C GLU B 161 37.80 3.04 16.94
N SER B 162 37.73 4.37 17.00
CA SER B 162 38.34 5.13 18.09
C SER B 162 37.34 5.73 19.06
N GLY B 163 36.05 5.79 18.71
CA GLY B 163 35.11 6.53 19.51
C GLY B 163 35.26 8.03 19.41
N GLU B 164 36.13 8.50 18.52
CA GLU B 164 36.46 9.92 18.39
C GLU B 164 35.39 10.65 17.58
N LEU B 165 35.35 11.97 17.78
CA LEU B 165 34.56 12.83 16.91
C LEU B 165 35.16 12.82 15.51
N LYS B 166 34.38 12.40 14.52
CA LYS B 166 34.87 12.35 13.16
C LYS B 166 35.10 13.77 12.62
N LYS B 167 36.04 13.88 11.69
CA LYS B 167 36.38 15.14 11.05
C LYS B 167 36.07 15.01 9.57
N TYR B 168 35.46 16.06 9.00
CA TYR B 168 35.03 16.07 7.62
C TYR B 168 35.50 17.35 6.93
N ASP B 169 36.02 17.20 5.72
CA ASP B 169 36.26 18.37 4.88
C ASP B 169 34.94 19.04 4.53
N ALA B 170 35.00 20.35 4.25
CA ALA B 170 33.79 21.10 3.96
C ALA B 170 33.08 20.55 2.73
N VAL B 171 33.83 20.23 1.67
CA VAL B 171 33.23 19.66 0.47
C VAL B 171 32.76 18.24 0.73
N GLU B 172 33.58 17.44 1.44
CA GLU B 172 33.23 16.05 1.71
C GLU B 172 31.95 15.96 2.53
N GLY B 173 31.86 16.75 3.60
CA GLY B 173 30.66 16.73 4.43
C GLY B 173 29.44 17.26 3.72
N PHE B 174 29.61 18.25 2.84
CA PHE B 174 28.49 18.80 2.10
C PHE B 174 27.87 17.75 1.18
N ASP B 175 28.70 17.07 0.39
CA ASP B 175 28.21 16.02 -0.49
C ASP B 175 27.56 14.89 0.29
N SER B 176 28.08 14.59 1.47
CA SER B 176 27.54 13.48 2.27
C SER B 176 26.18 13.83 2.85
N THR B 177 25.99 15.07 3.29
CA THR B 177 24.71 15.46 3.88
C THR B 177 23.62 15.61 2.82
N VAL B 178 23.98 15.99 1.60
CA VAL B 178 23.00 16.01 0.51
C VAL B 178 22.48 14.61 0.25
N LYS B 179 23.39 13.64 0.14
CA LYS B 179 22.98 12.26 -0.08
C LYS B 179 22.14 11.73 1.07
N LEU B 180 22.41 12.19 2.29
CA LEU B 180 21.65 11.76 3.45
C LEU B 180 20.31 12.49 3.60
N LYS B 181 19.99 13.41 2.70
CA LYS B 181 18.77 14.22 2.76
C LYS B 181 18.63 14.84 4.15
N TRP B 182 19.69 15.50 4.58
CA TRP B 182 19.86 15.99 5.95
C TRP B 182 19.94 17.50 5.88
N SER B 183 18.83 18.17 6.20
CA SER B 183 18.70 19.61 5.97
C SER B 183 19.71 20.40 6.78
N GLU B 184 19.79 20.13 8.09
CA GLU B 184 20.67 20.92 8.94
C GLU B 184 22.15 20.66 8.64
N GLY B 185 22.50 19.43 8.27
CA GLY B 185 23.88 19.13 7.93
C GLY B 185 24.32 19.82 6.65
N VAL B 186 23.41 19.92 5.67
CA VAL B 186 23.73 20.61 4.42
C VAL B 186 24.03 22.07 4.68
N GLU B 187 23.19 22.73 5.49
CA GLU B 187 23.41 24.13 5.81
C GLU B 187 24.68 24.33 6.63
N TYR B 188 24.98 23.39 7.54
CA TYR B 188 26.18 23.50 8.35
C TYR B 188 27.43 23.45 7.49
N PHE B 189 27.55 22.43 6.64
CA PHE B 189 28.73 22.29 5.81
C PHE B 189 28.79 23.35 4.72
N TYR B 190 27.65 23.95 4.35
CA TYR B 190 27.68 25.06 3.42
C TYR B 190 28.46 26.24 3.99
N ASN B 191 28.23 26.56 5.26
CA ASN B 191 28.94 27.66 5.91
C ASN B 191 30.40 27.34 6.18
N GLN B 192 30.81 26.08 6.04
CA GLN B 192 32.21 25.70 6.13
C GLN B 192 32.93 25.80 4.79
N LEU B 193 32.19 25.93 3.70
CA LEU B 193 32.79 25.96 2.37
C LEU B 193 33.54 27.26 2.12
N GLU B 194 34.57 27.18 1.30
CA GLU B 194 35.22 28.39 0.80
C GLU B 194 34.24 29.19 -0.03
N GLU B 195 34.37 30.53 0.05
CA GLU B 195 33.43 31.40 -0.65
C GLU B 195 33.43 31.12 -2.15
N LYS B 196 34.59 30.79 -2.71
CA LYS B 196 34.68 30.54 -4.15
C LYS B 196 33.92 29.30 -4.59
N ASP B 197 33.55 28.42 -3.66
CA ASP B 197 32.86 27.18 -3.99
C ASP B 197 31.40 27.16 -3.58
N LYS B 198 30.93 28.19 -2.86
CA LYS B 198 29.57 28.16 -2.30
C LYS B 198 28.52 28.02 -3.39
N GLU B 199 28.59 28.88 -4.41
CA GLU B 199 27.57 28.86 -5.46
C GLU B 199 27.57 27.54 -6.22
N LYS B 200 28.76 26.96 -6.45
CA LYS B 200 28.87 25.75 -7.23
C LYS B 200 28.28 24.56 -6.48
N LYS B 201 28.58 24.43 -5.19
CA LYS B 201 28.09 23.29 -4.41
C LYS B 201 26.58 23.33 -4.25
N LEU B 202 26.02 24.52 -4.05
CA LEU B 202 24.56 24.64 -3.96
C LEU B 202 23.89 24.23 -5.26
N THR B 203 24.46 24.65 -6.40
CA THR B 203 23.92 24.24 -7.68
C THR B 203 24.01 22.73 -7.88
N GLU B 204 25.12 22.13 -7.41
CA GLU B 204 25.26 20.67 -7.49
C GLU B 204 24.17 19.97 -6.69
N ALA B 205 23.87 20.49 -5.49
CA ALA B 205 22.82 19.88 -4.68
C ALA B 205 21.46 20.02 -5.34
N ILE B 206 21.20 21.15 -6.00
CA ILE B 206 19.90 21.38 -6.63
C ILE B 206 19.69 20.40 -7.78
N VAL B 207 20.68 20.30 -8.68
CA VAL B 207 20.52 19.41 -9.83
C VAL B 207 20.57 17.95 -9.41
N ALA B 208 21.19 17.62 -8.29
CA ALA B 208 21.21 16.24 -7.82
C ALA B 208 19.88 15.84 -7.20
N LEU B 209 19.19 16.76 -6.55
CA LEU B 209 17.92 16.46 -5.90
C LEU B 209 16.71 16.69 -6.79
N SER B 210 16.82 17.57 -7.80
CA SER B 210 15.74 17.79 -8.75
C SER B 210 15.73 16.62 -9.74
N ARG B 211 15.15 15.51 -9.29
CA ARG B 211 15.15 14.26 -10.03
C ARG B 211 13.75 13.69 -10.05
N PRO B 212 13.46 12.74 -10.97
CA PRO B 212 12.08 12.26 -11.12
C PRO B 212 11.43 11.75 -9.84
N GLN B 213 12.19 11.13 -8.94
CA GLN B 213 11.63 10.51 -7.75
C GLN B 213 12.04 11.24 -6.47
N SER B 214 12.03 12.57 -6.50
CA SER B 214 12.26 13.34 -5.30
C SER B 214 11.12 13.14 -4.31
N VAL B 215 11.42 13.35 -3.03
CA VAL B 215 10.46 13.18 -1.95
C VAL B 215 10.28 14.51 -1.23
N LYS B 216 9.27 14.54 -0.36
CA LYS B 216 8.95 15.76 0.37
C LYS B 216 10.13 16.22 1.24
N ARG B 217 10.91 15.28 1.77
CA ARG B 217 12.06 15.63 2.59
C ARG B 217 13.10 16.44 1.81
N ASP B 218 13.14 16.30 0.49
CA ASP B 218 14.12 17.02 -0.32
C ASP B 218 13.79 18.50 -0.46
N ALA B 219 12.53 18.88 -0.26
CA ALA B 219 12.11 20.25 -0.52
C ALA B 219 12.80 21.28 0.37
N PRO B 220 12.92 21.09 1.69
CA PRO B 220 13.63 22.09 2.51
C PRO B 220 15.07 22.28 2.11
N ILE B 221 15.74 21.23 1.62
CA ILE B 221 17.10 21.38 1.12
C ILE B 221 17.12 22.20 -0.17
N LEU B 222 16.21 21.89 -1.10
CA LEU B 222 16.12 22.66 -2.33
C LEU B 222 15.78 24.12 -2.05
N ASP B 223 14.94 24.37 -1.04
CA ASP B 223 14.59 25.74 -0.69
C ASP B 223 15.81 26.49 -0.15
N PHE B 224 16.58 25.85 0.74
CA PHE B 224 17.76 26.49 1.29
C PHE B 224 18.78 26.79 0.21
N CYS B 225 18.99 25.86 -0.72
CA CYS B 225 20.01 26.04 -1.75
C CYS B 225 19.63 27.18 -2.69
N VAL B 226 18.38 27.22 -3.14
CA VAL B 226 17.93 28.28 -4.03
C VAL B 226 18.04 29.63 -3.33
N ARG B 227 17.65 29.71 -2.06
CA ARG B 227 17.66 30.97 -1.34
C ARG B 227 19.06 31.52 -1.14
N ASN B 228 20.09 30.68 -1.17
CA ASN B 228 21.46 31.11 -0.94
C ASN B 228 22.28 31.21 -2.23
N ILE B 229 21.62 31.17 -3.38
CA ILE B 229 22.29 31.30 -4.67
C ILE B 229 22.09 32.73 -5.17
N GLY B 230 23.20 33.40 -5.46
CA GLY B 230 23.14 34.78 -5.90
C GLY B 230 22.70 34.93 -7.34
N ASP B 231 23.41 34.28 -8.26
CA ASP B 231 23.12 34.37 -9.70
C ASP B 231 22.10 33.29 -10.05
N LYS B 232 20.82 33.65 -10.01
CA LYS B 232 19.77 32.71 -10.36
C LYS B 232 19.69 32.46 -11.86
N ASP B 233 20.21 33.39 -12.68
CA ASP B 233 20.23 33.18 -14.12
C ASP B 233 21.21 32.09 -14.51
N THR B 234 22.38 32.05 -13.85
CA THR B 234 23.34 30.97 -14.10
C THR B 234 22.79 29.63 -13.62
N LEU B 235 22.07 29.64 -12.48
CA LEU B 235 21.47 28.41 -11.97
C LEU B 235 20.53 27.80 -12.99
N LEU B 236 19.72 28.63 -13.66
CA LEU B 236 18.83 28.13 -14.70
C LEU B 236 19.61 27.41 -15.79
N GLN B 237 20.74 27.99 -16.22
CA GLN B 237 21.52 27.39 -17.30
C GLN B 237 22.08 26.04 -16.90
N LYS B 238 22.52 25.90 -15.65
CA LYS B 238 23.04 24.61 -15.19
C LYS B 238 21.90 23.61 -15.02
N LEU B 239 20.74 24.07 -14.55
CA LEU B 239 19.57 23.18 -14.43
C LEU B 239 19.09 22.72 -15.80
N LEU B 240 19.22 23.57 -16.82
CA LEU B 240 18.80 23.20 -18.17
C LEU B 240 19.73 22.18 -18.82
N GLN B 241 20.86 21.85 -18.17
CA GLN B 241 21.73 20.80 -18.68
C GLN B 241 21.14 19.41 -18.46
N LYS B 242 20.08 19.29 -17.67
CA LYS B 242 19.45 18.02 -17.34
C LYS B 242 17.97 18.08 -17.71
N ASP B 243 17.48 17.01 -18.32
CA ASP B 243 16.10 16.99 -18.81
C ASP B 243 15.12 17.19 -17.66
N LYS B 244 14.18 18.11 -17.85
CA LYS B 244 13.10 18.40 -16.90
C LYS B 244 13.62 18.84 -15.55
N GLY B 245 14.88 19.25 -15.45
CA GLY B 245 15.41 19.69 -14.17
C GLY B 245 14.69 20.89 -13.61
N VAL B 246 14.23 21.79 -14.48
CA VAL B 246 13.50 22.97 -14.02
C VAL B 246 12.14 22.57 -13.47
N TYR B 247 11.47 21.61 -14.11
CA TYR B 247 10.18 21.17 -13.59
C TYR B 247 10.32 20.50 -12.23
N PHE B 248 11.33 19.64 -12.07
CA PHE B 248 11.49 18.90 -10.82
C PHE B 248 11.71 19.83 -9.64
N LEU B 249 12.51 20.87 -9.83
CA LEU B 249 12.79 21.80 -8.73
C LEU B 249 11.53 22.53 -8.30
N LEU B 250 10.82 23.14 -9.26
CA LEU B 250 9.62 23.90 -8.93
C LEU B 250 8.53 22.99 -8.35
N ALA B 251 8.40 21.78 -8.90
CA ALA B 251 7.32 20.89 -8.48
C ALA B 251 7.44 20.51 -7.01
N GLU B 252 8.65 20.12 -6.58
CA GLU B 252 8.84 19.72 -5.19
C GLU B 252 8.68 20.91 -4.25
N LEU B 253 9.13 22.10 -4.67
CA LEU B 253 8.95 23.29 -3.85
C LEU B 253 7.47 23.62 -3.67
N ILE B 254 6.67 23.43 -4.73
CA ILE B 254 5.25 23.75 -4.67
C ILE B 254 4.54 22.85 -3.67
N GLU B 255 4.85 21.55 -3.69
CA GLU B 255 4.17 20.61 -2.79
C GLU B 255 4.43 20.91 -1.32
N SER B 256 5.52 21.60 -1.00
CA SER B 256 5.83 21.98 0.37
C SER B 256 5.46 23.43 0.68
N CYS B 257 4.76 24.09 -0.24
CA CYS B 257 4.24 25.45 -0.03
C CYS B 257 5.36 26.47 0.14
N PHE B 258 6.49 26.26 -0.54
CA PHE B 258 7.55 27.27 -0.61
C PHE B 258 7.20 28.29 -1.72
N PHE B 259 6.09 28.98 -1.50
CA PHE B 259 5.54 29.85 -2.55
C PHE B 259 6.46 31.02 -2.85
N ASP B 260 7.03 31.65 -1.82
CA ASP B 260 7.90 32.79 -2.04
C ASP B 260 9.13 32.42 -2.85
N THR B 261 9.63 31.19 -2.67
CA THR B 261 10.78 30.74 -3.45
C THR B 261 10.40 30.46 -4.89
N VAL B 262 9.22 29.87 -5.11
CA VAL B 262 8.77 29.60 -6.47
C VAL B 262 8.47 30.90 -7.20
N HIS B 263 7.88 31.88 -6.52
CA HIS B 263 7.61 33.17 -7.13
C HIS B 263 8.90 33.86 -7.55
N ASP B 264 9.93 33.79 -6.71
CA ASP B 264 11.22 34.37 -7.07
C ASP B 264 11.78 33.70 -8.33
N LEU B 265 11.68 32.38 -8.41
CA LEU B 265 12.19 31.67 -9.58
C LEU B 265 11.37 31.98 -10.82
N VAL B 266 10.04 32.07 -10.67
CA VAL B 266 9.18 32.39 -11.80
C VAL B 266 9.47 33.80 -12.32
N GLN B 267 9.69 34.74 -11.40
CA GLN B 267 9.96 36.12 -11.81
C GLN B 267 11.32 36.24 -12.49
N CYS B 268 12.30 35.47 -12.04
CA CYS B 268 13.64 35.57 -12.60
C CYS B 268 13.71 34.90 -13.98
N TRP B 269 13.06 33.76 -14.14
CA TRP B 269 13.22 32.95 -15.34
C TRP B 269 12.14 33.18 -16.39
N CYS B 270 11.02 33.79 -16.03
CA CYS B 270 9.92 34.00 -16.95
C CYS B 270 9.50 35.46 -17.12
N TYR B 271 9.82 36.32 -16.15
CA TYR B 271 9.50 37.75 -16.25
C TYR B 271 10.75 38.62 -16.28
N LYS B 272 11.93 38.03 -16.45
CA LYS B 272 13.20 38.74 -16.37
C LYS B 272 13.38 39.41 -15.01
N CYS B 280 14.06 33.67 -27.93
CA CYS B 280 13.41 33.22 -29.17
C CYS B 280 12.16 32.42 -28.85
N SER B 281 12.00 31.27 -29.49
CA SER B 281 10.86 30.40 -29.28
C SER B 281 11.17 29.23 -28.34
N ASP B 282 12.36 29.21 -27.74
CA ASP B 282 12.74 28.13 -26.83
C ASP B 282 12.17 28.42 -25.45
N LYS B 283 11.38 27.49 -24.92
CA LYS B 283 10.76 27.61 -23.62
C LYS B 283 11.41 26.65 -22.63
N ILE B 284 11.45 27.05 -21.36
CA ILE B 284 12.21 26.30 -20.36
C ILE B 284 11.47 25.10 -19.80
N PHE B 285 10.16 24.99 -20.01
CA PHE B 285 9.45 23.77 -19.66
C PHE B 285 8.28 23.59 -20.61
N SER B 286 7.71 22.38 -20.58
CA SER B 286 6.77 21.93 -21.59
C SER B 286 5.33 22.34 -21.25
N GLN B 287 4.41 22.00 -22.16
CA GLN B 287 2.99 22.23 -21.91
C GLN B 287 2.52 21.42 -20.71
N ARG B 288 3.04 20.20 -20.56
CA ARG B 288 2.62 19.36 -19.44
C ARG B 288 3.18 19.88 -18.11
N ASP B 289 4.45 20.30 -18.11
CA ASP B 289 5.01 20.95 -16.92
C ASP B 289 4.17 22.15 -16.52
N TYR B 290 3.77 22.95 -17.51
CA TYR B 290 2.94 24.13 -17.27
C TYR B 290 1.63 23.75 -16.58
N GLU B 291 0.94 22.74 -17.10
CA GLU B 291 -0.33 22.33 -16.52
C GLU B 291 -0.15 21.70 -15.15
N LEU B 292 0.94 20.97 -14.93
CA LEU B 292 1.17 20.34 -13.63
C LEU B 292 1.58 21.35 -12.57
N PHE B 293 2.25 22.44 -12.95
CA PHE B 293 2.48 23.54 -12.02
C PHE B 293 1.17 24.08 -11.47
N LEU B 294 0.22 24.36 -12.37
CA LEU B 294 -1.01 25.03 -11.97
C LEU B 294 -1.91 24.12 -11.15
N SER B 295 -2.02 22.84 -11.54
CA SER B 295 -2.88 21.93 -10.80
C SER B 295 -2.29 21.58 -9.43
N SER B 296 -0.96 21.49 -9.33
CA SER B 296 -0.34 21.23 -8.04
C SER B 296 -0.48 22.43 -7.11
N LEU B 297 -0.39 23.65 -7.66
CA LEU B 297 -0.64 24.84 -6.85
C LEU B 297 -2.08 24.89 -6.38
N SER B 298 -3.03 24.51 -7.25
CA SER B 298 -4.42 24.44 -6.86
C SER B 298 -4.65 23.38 -5.78
N ASP B 299 -3.85 22.31 -5.81
CA ASP B 299 -3.99 21.27 -4.79
C ASP B 299 -3.61 21.79 -3.42
N VAL B 300 -2.40 22.37 -3.30
CA VAL B 300 -1.96 22.88 -2.00
C VAL B 300 -2.76 24.11 -1.58
N MET B 301 -3.36 24.81 -2.53
CA MET B 301 -4.25 25.92 -2.17
C MET B 301 -5.42 25.44 -1.31
N LEU B 302 -6.00 24.30 -1.67
CA LEU B 302 -7.09 23.75 -0.88
C LEU B 302 -6.60 23.10 0.40
N LYS B 303 -5.38 22.55 0.38
CA LYS B 303 -4.82 21.95 1.59
C LYS B 303 -4.38 22.99 2.61
N ASN B 304 -4.12 24.22 2.18
CA ASN B 304 -3.62 25.29 3.04
C ASN B 304 -4.41 26.55 2.77
N PRO B 305 -5.62 26.67 3.33
CA PRO B 305 -6.45 27.84 3.04
C PRO B 305 -5.83 29.16 3.48
N GLU B 306 -5.05 29.15 4.57
CA GLU B 306 -4.42 30.38 5.04
C GLU B 306 -3.41 30.92 4.04
N LEU B 307 -2.95 30.11 3.10
CA LEU B 307 -2.01 30.54 2.07
C LEU B 307 -2.64 30.57 0.69
N SER B 308 -3.97 30.63 0.61
CA SER B 308 -4.64 30.59 -0.69
C SER B 308 -4.37 31.84 -1.51
N VAL B 309 -4.15 32.98 -0.86
CA VAL B 309 -3.83 34.20 -1.60
C VAL B 309 -2.50 34.04 -2.32
N GLN B 310 -1.49 33.49 -1.64
CA GLN B 310 -0.19 33.30 -2.28
C GLN B 310 -0.26 32.25 -3.38
N ALA B 311 -1.05 31.19 -3.16
CA ALA B 311 -1.19 30.17 -4.20
C ALA B 311 -1.90 30.71 -5.42
N ARG B 312 -2.95 31.52 -5.22
CA ARG B 312 -3.66 32.11 -6.35
C ARG B 312 -2.76 33.04 -7.14
N SER B 313 -1.97 33.86 -6.45
CA SER B 313 -1.04 34.75 -7.13
C SER B 313 -0.06 33.97 -7.99
N LEU B 314 0.48 32.88 -7.45
CA LEU B 314 1.41 32.05 -8.22
C LEU B 314 0.74 31.41 -9.41
N ILE B 315 -0.52 30.96 -9.25
CA ILE B 315 -1.25 30.38 -10.36
C ILE B 315 -1.40 31.40 -11.49
N MET B 316 -1.77 32.63 -11.14
CA MET B 316 -1.99 33.66 -12.15
C MET B 316 -0.69 34.12 -12.80
N GLU B 317 0.40 34.17 -12.03
CA GLU B 317 1.70 34.54 -12.61
C GLU B 317 2.11 33.55 -13.69
N ILE B 318 2.00 32.25 -13.39
CA ILE B 318 2.41 31.23 -14.33
C ILE B 318 1.42 31.14 -15.48
N TRP B 319 0.12 31.11 -15.17
CA TRP B 319 -0.89 30.91 -16.20
C TRP B 319 -0.90 32.05 -17.22
N LYS B 320 -0.78 33.29 -16.75
CA LYS B 320 -0.89 34.46 -17.62
C LYS B 320 0.45 34.95 -18.14
N CYS B 321 1.55 34.24 -17.87
CA CYS B 321 2.84 34.67 -18.37
C CYS B 321 2.85 34.67 -19.88
N GLU B 322 3.28 35.80 -20.46
CA GLU B 322 3.18 35.98 -21.91
C GLU B 322 4.04 34.98 -22.67
N ARG B 323 5.11 34.49 -22.06
CA ARG B 323 5.94 33.47 -22.71
C ARG B 323 5.16 32.18 -22.96
N PHE B 324 4.09 31.94 -22.21
CA PHE B 324 3.30 30.73 -22.33
C PHE B 324 1.87 31.02 -22.76
N ALA B 325 1.68 32.04 -23.60
CA ALA B 325 0.36 32.36 -24.10
C ALA B 325 -0.21 31.20 -24.91
N GLU B 326 0.65 30.49 -25.64
CA GLU B 326 0.21 29.31 -26.38
C GLU B 326 -0.19 28.19 -25.43
N TYR B 327 0.59 27.99 -24.36
CA TYR B 327 0.23 26.99 -23.35
C TYR B 327 -1.12 27.33 -22.72
N ARG B 328 -1.37 28.62 -22.49
CA ARG B 328 -2.61 29.03 -21.84
C ARG B 328 -3.82 28.71 -22.70
N GLU B 329 -3.73 28.95 -24.01
CA GLU B 329 -4.84 28.64 -24.90
C GLU B 329 -5.08 27.14 -24.98
N THR B 330 -4.01 26.34 -25.06
CA THR B 330 -4.16 24.89 -25.09
C THR B 330 -4.77 24.37 -23.80
N SER B 331 -4.47 25.01 -22.68
CA SER B 331 -4.98 24.55 -21.39
C SER B 331 -6.50 24.67 -21.27
N VAL B 332 -7.14 25.48 -22.13
CA VAL B 332 -8.58 25.62 -22.12
C VAL B 332 -9.21 25.04 -23.39
N ASN B 333 -8.49 24.16 -24.08
CA ASN B 333 -9.00 23.47 -25.26
C ASN B 333 -9.74 22.22 -24.80
N THR B 334 -11.06 22.21 -24.95
CA THR B 334 -11.86 21.05 -24.57
C THR B 334 -11.84 20.05 -25.72
N SER B 335 -11.22 18.89 -25.48
CA SER B 335 -11.11 17.85 -26.49
C SER B 335 -11.17 16.49 -25.80
N ASN B 336 -11.82 15.53 -26.45
CA ASN B 336 -12.03 14.19 -25.90
C ASN B 336 -12.73 14.27 -24.54
N TYR B 337 -13.69 15.18 -24.43
CA TYR B 337 -14.53 15.32 -23.23
C TYR B 337 -13.69 15.61 -21.98
N THR B 338 -12.64 16.41 -22.15
CA THR B 338 -11.83 16.86 -21.03
C THR B 338 -11.11 18.13 -21.42
N VAL B 339 -10.61 18.83 -20.40
CA VAL B 339 -9.89 20.08 -20.60
C VAL B 339 -8.86 20.20 -19.48
N PRO B 340 -7.61 20.58 -19.78
CA PRO B 340 -6.58 20.58 -18.73
C PRO B 340 -6.87 21.51 -17.57
N ILE B 341 -7.58 22.62 -17.82
CA ILE B 341 -7.81 23.63 -16.78
C ILE B 341 -8.83 23.19 -15.74
N LYS B 342 -9.47 22.03 -15.91
CA LYS B 342 -10.52 21.62 -14.97
C LYS B 342 -9.97 21.36 -13.57
N SER B 343 -8.73 20.89 -13.47
CA SER B 343 -8.08 20.72 -12.18
C SER B 343 -7.49 22.01 -11.64
N VAL B 344 -7.78 23.14 -12.28
CA VAL B 344 -7.43 24.46 -11.78
C VAL B 344 -8.68 25.31 -11.53
N LEU B 345 -9.55 25.40 -12.54
CA LEU B 345 -10.79 26.16 -12.40
C LEU B 345 -11.69 25.56 -11.32
N GLY B 346 -11.78 24.23 -11.28
CA GLY B 346 -12.60 23.59 -10.27
C GLY B 346 -12.10 23.86 -8.86
N GLU B 347 -10.79 23.74 -8.65
CA GLU B 347 -10.22 24.03 -7.34
C GLU B 347 -10.46 25.48 -6.93
N LEU B 348 -10.35 26.40 -7.89
CA LEU B 348 -10.58 27.81 -7.58
C LEU B 348 -12.04 28.06 -7.19
N ILE B 349 -12.98 27.38 -7.83
CA ILE B 349 -14.39 27.52 -7.46
C ILE B 349 -14.61 26.95 -6.06
N ILE B 350 -13.95 25.84 -5.73
CA ILE B 350 -14.09 25.25 -4.40
C ILE B 350 -13.47 26.16 -3.35
N ASN B 351 -12.30 26.74 -3.65
CA ASN B 351 -11.67 27.67 -2.71
C ASN B 351 -12.56 28.89 -2.49
N TRP B 352 -13.18 29.40 -3.54
CA TRP B 352 -14.02 30.59 -3.43
C TRP B 352 -15.26 30.32 -2.58
N LYS B 353 -15.76 29.09 -2.59
CA LYS B 353 -17.03 28.75 -1.95
C LYS B 353 -16.89 28.16 -0.56
N ARG B 354 -15.67 27.87 -0.09
CA ARG B 354 -15.52 27.13 1.16
C ARG B 354 -16.00 27.95 2.35
N GLU B 355 -16.64 27.29 3.29
CA GLU B 355 -17.23 27.95 4.43
C GLU B 355 -16.58 27.72 5.77
N ASP B 356 -15.45 27.03 5.79
CA ASP B 356 -14.74 26.79 7.03
C ASP B 356 -13.74 27.88 7.35
N VAL B 357 -13.73 28.99 6.59
CA VAL B 357 -12.78 30.06 6.76
C VAL B 357 -13.49 31.40 6.65
N CYS B 358 -12.81 32.44 7.11
CA CYS B 358 -13.27 33.83 7.03
C CYS B 358 -12.26 34.61 6.19
N LYS B 359 -12.50 34.68 4.89
CA LYS B 359 -11.74 35.35 3.83
C LYS B 359 -12.22 36.79 3.64
N PRO B 360 -11.31 37.74 3.43
CA PRO B 360 -11.75 39.12 3.17
C PRO B 360 -12.02 39.41 1.70
N ASP B 361 -11.36 38.69 0.79
CA ASP B 361 -11.45 39.02 -0.62
C ASP B 361 -12.07 37.91 -1.46
N ARG B 362 -13.30 37.51 -1.13
CA ARG B 362 -13.99 36.52 -1.93
C ARG B 362 -14.40 37.07 -3.29
N GLU B 363 -14.59 38.39 -3.39
CA GLU B 363 -15.01 38.97 -4.66
C GLU B 363 -13.89 38.96 -5.68
N ILE B 364 -12.64 39.11 -5.24
CA ILE B 364 -11.51 38.98 -6.15
C ILE B 364 -11.40 37.54 -6.65
N GLU B 365 -11.70 36.57 -5.78
CA GLU B 365 -11.67 35.17 -6.20
C GLU B 365 -12.73 34.90 -7.27
N LYS B 366 -13.94 35.44 -7.08
CA LYS B 366 -14.98 35.28 -8.09
C LYS B 366 -14.58 35.95 -9.41
N GLU B 367 -13.88 37.08 -9.32
CA GLU B 367 -13.44 37.78 -10.52
C GLU B 367 -12.46 36.94 -11.34
N GLU B 368 -11.54 36.27 -10.67
CA GLU B 368 -10.59 35.40 -11.37
C GLU B 368 -11.30 34.22 -12.02
N ILE B 369 -12.29 33.65 -11.33
CA ILE B 369 -13.01 32.51 -11.88
C ILE B 369 -13.78 32.91 -13.13
N LEU B 370 -14.47 34.06 -13.08
CA LEU B 370 -15.24 34.51 -14.23
C LEU B 370 -14.33 34.86 -15.40
N ASP B 371 -13.14 35.42 -15.12
CA ASP B 371 -12.20 35.74 -16.18
C ASP B 371 -11.66 34.48 -16.82
N MET B 372 -11.34 33.47 -16.01
CA MET B 372 -10.86 32.20 -16.55
C MET B 372 -11.91 31.55 -17.45
N ILE B 373 -13.17 31.59 -17.04
CA ILE B 373 -14.24 31.02 -17.85
C ILE B 373 -14.40 31.83 -19.15
N SER B 374 -14.34 33.16 -19.06
CA SER B 374 -14.45 33.98 -20.25
C SER B 374 -13.30 33.76 -21.21
N PHE B 375 -12.10 33.49 -20.68
CA PHE B 375 -10.96 33.18 -21.54
C PHE B 375 -11.18 31.88 -22.29
N ALA B 376 -11.67 30.85 -21.60
CA ALA B 376 -11.94 29.58 -22.26
C ALA B 376 -13.03 29.73 -23.32
N LYS B 377 -14.04 30.55 -23.05
CA LYS B 377 -15.11 30.78 -24.02
C LYS B 377 -14.59 31.54 -25.23
N GLY B 378 -13.71 32.50 -25.02
CA GLY B 378 -13.20 33.29 -26.13
C GLY B 378 -12.26 32.53 -27.04
N CYS B 379 -11.47 31.62 -26.48
CA CYS B 379 -10.51 30.87 -27.29
C CYS B 379 -11.21 29.88 -28.21
N PHE B 380 -12.23 29.18 -27.68
CA PHE B 380 -12.95 28.16 -28.45
C PHE B 380 -14.44 28.32 -28.20
N PRO B 381 -15.09 29.22 -28.94
CA PRO B 381 -16.53 29.42 -28.74
C PRO B 381 -17.35 28.19 -29.11
N GLU B 382 -16.95 27.47 -30.16
CA GLU B 382 -17.70 26.29 -30.61
C GLU B 382 -17.57 25.11 -29.66
N LYS B 383 -16.63 25.16 -28.71
CA LYS B 383 -16.45 24.10 -27.73
C LYS B 383 -16.92 24.49 -26.33
N PHE B 384 -17.50 25.68 -26.17
CA PHE B 384 -17.84 26.17 -24.84
C PHE B 384 -18.93 25.34 -24.20
N ASP B 385 -19.90 24.86 -25.00
CA ASP B 385 -20.96 24.02 -24.45
C ASP B 385 -20.39 22.74 -23.84
N LEU B 386 -19.44 22.11 -24.53
CA LEU B 386 -18.78 20.94 -23.97
C LEU B 386 -17.91 21.33 -22.77
N PHE B 387 -17.28 22.50 -22.83
CA PHE B 387 -16.49 22.98 -21.71
C PHE B 387 -17.33 23.09 -20.44
N LYS B 388 -18.50 23.72 -20.54
CA LYS B 388 -19.40 23.82 -19.40
C LYS B 388 -19.83 22.45 -18.92
N GLU B 389 -20.21 21.57 -19.85
CA GLU B 389 -20.60 20.21 -19.50
C GLU B 389 -19.48 19.47 -18.78
N VAL B 390 -18.25 19.61 -19.27
CA VAL B 390 -17.11 18.95 -18.66
C VAL B 390 -16.84 19.51 -17.27
N MET B 391 -16.93 20.84 -17.11
CA MET B 391 -16.64 21.44 -15.82
C MET B 391 -17.68 21.06 -14.77
N ILE B 392 -18.96 21.02 -15.15
CA ILE B 392 -20.00 20.62 -14.22
C ILE B 392 -19.81 19.17 -13.79
N ARG B 393 -19.48 18.30 -14.73
CA ARG B 393 -19.26 16.89 -14.41
C ARG B 393 -18.09 16.70 -13.47
N ASN B 394 -17.00 17.43 -13.69
CA ASN B 394 -15.83 17.32 -12.84
C ASN B 394 -16.12 17.83 -11.43
N LEU B 395 -16.89 18.91 -11.32
CA LEU B 395 -17.24 19.46 -10.02
C LEU B 395 -18.22 18.59 -9.25
N ARG B 396 -18.82 17.59 -9.89
CA ARG B 396 -19.75 16.69 -9.24
C ARG B 396 -19.13 15.35 -8.86
N LEU B 397 -18.13 14.90 -9.60
CA LEU B 397 -17.54 13.57 -9.40
C LEU B 397 -16.27 13.59 -8.56
N CYS B 398 -15.38 14.55 -8.78
CA CYS B 398 -14.07 14.55 -8.13
C CYS B 398 -14.17 15.30 -6.81
N GLY B 399 -13.99 14.57 -5.70
CA GLY B 399 -13.97 15.19 -4.40
C GLY B 399 -12.67 15.95 -4.14
N ARG B 400 -12.76 16.95 -3.26
CA ARG B 400 -11.62 17.79 -2.96
C ARG B 400 -11.68 18.21 -1.49
N GLU B 401 -10.51 18.56 -0.96
CA GLU B 401 -10.45 19.17 0.36
C GLU B 401 -11.07 20.55 0.33
N GLY B 402 -11.75 20.92 1.42
CA GLY B 402 -12.48 22.17 1.47
C GLY B 402 -13.82 22.16 0.79
N LYS B 403 -14.20 21.05 0.17
CA LYS B 403 -15.48 20.94 -0.51
C LYS B 403 -16.58 20.62 0.50
N ARG B 404 -17.66 21.37 0.46
CA ARG B 404 -18.79 21.12 1.33
C ARG B 404 -19.46 19.82 0.95
N LYS B 405 -19.54 18.91 1.90
CA LYS B 405 -20.10 17.61 1.63
C LYS B 405 -21.60 17.60 1.40
N GLY B 406 -22.01 16.87 0.37
CA GLY B 406 -23.41 16.82 0.02
C GLY B 406 -23.93 18.01 -0.77
N VAL B 407 -23.07 18.95 -1.14
CA VAL B 407 -23.46 20.14 -1.87
C VAL B 407 -23.11 19.96 -3.34
N ASP B 408 -24.08 20.23 -4.22
CA ASP B 408 -23.88 20.10 -5.66
C ASP B 408 -23.09 21.30 -6.16
N TYR B 409 -21.79 21.09 -6.40
CA TYR B 409 -20.95 22.16 -6.92
C TYR B 409 -21.11 22.36 -8.41
N GLY B 410 -21.72 21.40 -9.11
CA GLY B 410 -22.07 21.63 -10.50
C GLY B 410 -23.07 22.76 -10.67
N LYS B 411 -23.96 22.94 -9.68
CA LYS B 411 -24.89 24.04 -9.72
C LYS B 411 -24.17 25.38 -9.61
N PHE B 412 -23.10 25.43 -8.81
CA PHE B 412 -22.30 26.66 -8.73
C PHE B 412 -21.69 27.00 -10.08
N ALA B 413 -21.20 25.99 -10.81
CA ALA B 413 -20.68 26.24 -12.15
C ALA B 413 -21.77 26.73 -13.08
N GLU B 414 -22.98 26.14 -12.98
CA GLU B 414 -24.09 26.58 -13.82
C GLU B 414 -24.47 28.02 -13.53
N GLU B 415 -24.38 28.45 -12.27
CA GLU B 415 -24.71 29.82 -11.93
C GLU B 415 -23.67 30.80 -12.48
N LEU B 416 -22.41 30.38 -12.51
CA LEU B 416 -21.37 31.25 -13.06
C LEU B 416 -21.50 31.38 -14.58
N PHE B 417 -21.80 30.28 -15.26
CA PHE B 417 -21.97 30.33 -16.71
C PHE B 417 -23.17 31.19 -17.08
N LEU B 418 -24.26 31.09 -16.31
CA LEU B 418 -25.44 31.91 -16.57
C LEU B 418 -25.15 33.38 -16.36
N GLN B 419 -24.27 33.71 -15.42
CA GLN B 419 -23.94 35.11 -15.15
C GLN B 419 -23.31 35.76 -16.37
N LEU B 420 -22.51 35.01 -17.13
CA LEU B 420 -21.85 35.54 -18.32
C LEU B 420 -22.75 35.42 -19.55
N GLU B 421 -24.06 35.47 -19.34
CA GLU B 421 -25.05 35.33 -20.41
C GLU B 421 -24.88 34.01 -21.16
#